data_6YE6
#
_entry.id   6YE6
#
_cell.length_a   71.161
_cell.length_b   71.161
_cell.length_c   272.866
_cell.angle_alpha   90.000
_cell.angle_beta   90.000
_cell.angle_gamma   120.000
#
_symmetry.space_group_name_H-M   'P 32 2 1'
#
loop_
_entity.id
_entity.type
_entity.pdbx_description
1 polymer 'Putrescine-binding periplasmic protein'
2 non-polymer (2~{S})-1-(2-methoxyethoxy)propan-2-amine
3 non-polymer (2R)-1-methoxypropan-2-amine
4 non-polymer AGMATINE
5 non-polymer (2~{R})-1-[(2~{R})-1-(2-methoxyethoxy)propan-2-yl]oxypropan-2-amine
6 non-polymer 'SULFATE ION'
7 non-polymer 'CHLORIDE ION'
8 water water
#
_entity_poly.entity_id   1
_entity_poly.type   'polypeptide(L)'
_entity_poly.pdbx_seq_one_letter_code
;AEQKTLHIYNWSDYIAPDTVANFEKETGIKVVYDVFDSNEVLEGKLMAGSTGFDLVVPSASFLERQLTAGVFQPLDKSKL
PEWKNLDPELLKLVAKHDPDNKFAMPYMWATTGIGYNVDKVKAVLGENAPVDSWDLILKPENLEKLKSCGVSFLDAPEEV
FATVLNYLGKDPNSTKADDYTGPATDLLLKLRPNIRYFHSSQYINDLANGDICVAIGWAGDVWQASNRAKEAKNGVNVSF
SIPKEGAMAFFDVFAMPADAKNKDEAYQFLNYLLRPDVVAHISDHVFYANANKAATPLVSAEVRENPGIYPPADVRAKLF
TLKVQDPKIDRVRTRAWTKVKSGKLEHHHHHH
;
_entity_poly.pdbx_strand_id   A,B
#
loop_
_chem_comp.id
_chem_comp.type
_chem_comp.name
_chem_comp.formula
AG2 non-polymer AGMATINE 'C5 H14 N4'
CL non-polymer 'CHLORIDE ION' 'Cl -1'
JFN non-polymer (2R)-1-methoxypropan-2-amine 'C4 H11 N O'
ONT non-polymer (2~{S})-1-(2-methoxyethoxy)propan-2-amine 'C6 H15 N O2'
ONW non-polymer (2~{R})-1-[(2~{R})-1-(2-methoxyethoxy)propan-2-yl]oxypropan-2-amine 'C9 H21 N O3'
SO4 non-polymer 'SULFATE ION' 'O4 S -2'
#
# COMPACT_ATOMS: atom_id res chain seq x y z
N GLN A 3 -10.04 36.61 36.74
CA GLN A 3 -10.05 35.24 36.22
C GLN A 3 -9.80 35.28 34.71
N LYS A 4 -8.74 34.58 34.29
CA LYS A 4 -8.36 34.52 32.89
C LYS A 4 -9.22 33.50 32.16
N THR A 5 -9.62 33.81 30.93
CA THR A 5 -10.39 32.89 30.11
C THR A 5 -9.72 32.81 28.75
N LEU A 6 -10.08 31.79 27.98
CA LEU A 6 -9.48 31.54 26.67
C LEU A 6 -10.53 30.82 25.83
N HIS A 7 -10.83 31.38 24.64
CA HIS A 7 -11.83 30.84 23.72
C HIS A 7 -11.14 30.17 22.53
N ILE A 8 -11.41 28.87 22.33
CA ILE A 8 -10.79 28.07 21.28
C ILE A 8 -11.88 27.44 20.41
N TYR A 9 -11.70 27.54 19.09
CA TYR A 9 -12.58 26.92 18.09
C TYR A 9 -11.74 25.93 17.28
N ASN A 10 -12.00 24.62 17.44
CA ASN A 10 -11.20 23.59 16.80
C ASN A 10 -12.13 22.64 16.07
N TRP A 11 -11.57 21.82 15.20
CA TRP A 11 -12.33 20.70 14.65
C TRP A 11 -12.86 19.81 15.76
N SER A 12 -14.04 19.23 15.53
CA SER A 12 -14.53 18.18 16.40
C SER A 12 -13.60 16.97 16.34
N ASP A 13 -13.63 16.18 17.41
CA ASP A 13 -12.86 14.94 17.47
C ASP A 13 -11.38 15.19 17.11
N TYR A 14 -10.78 16.20 17.76
CA TYR A 14 -9.42 16.64 17.39
C TYR A 14 -8.61 17.08 18.59
N ILE A 15 -8.88 16.48 19.75
CA ILE A 15 -8.12 16.74 20.97
C ILE A 15 -8.35 15.54 21.89
N ALA A 16 -7.42 15.31 22.84
CA ALA A 16 -7.63 14.24 23.79
C ALA A 16 -8.64 14.66 24.84
N PRO A 17 -9.29 13.70 25.51
CA PRO A 17 -10.38 14.05 26.43
C PRO A 17 -9.96 14.92 27.60
N ASP A 18 -8.71 14.86 28.02
CA ASP A 18 -8.23 15.56 29.21
C ASP A 18 -7.27 16.71 28.88
N THR A 19 -7.04 16.99 27.59
CA THR A 19 -6.06 18.03 27.24
C THR A 19 -6.44 19.37 27.87
N VAL A 20 -7.68 19.80 27.66
CA VAL A 20 -8.09 21.10 28.18
C VAL A 20 -8.09 21.11 29.69
N ALA A 21 -8.59 20.04 30.33
CA ALA A 21 -8.62 20.02 31.78
C ALA A 21 -7.21 20.08 32.37
N ASN A 22 -6.26 19.38 31.73
CA ASN A 22 -4.88 19.44 32.20
C ASN A 22 -4.30 20.84 32.06
N PHE A 23 -4.58 21.52 30.94
CA PHE A 23 -4.12 22.90 30.76
C PHE A 23 -4.73 23.81 31.82
N GLU A 24 -6.04 23.69 32.05
CA GLU A 24 -6.70 24.50 33.07
C GLU A 24 -6.08 24.27 34.43
N LYS A 25 -5.82 23.00 34.79
CA LYS A 25 -5.26 22.71 36.10
C LYS A 25 -3.87 23.30 36.25
N GLU A 26 -3.09 23.28 35.18
CA GLU A 26 -1.74 23.83 35.25
C GLU A 26 -1.76 25.35 35.33
N THR A 27 -2.56 26.01 34.51
CA THR A 27 -2.42 27.46 34.34
C THR A 27 -3.44 28.29 35.12
N GLY A 28 -4.54 27.70 35.56
CA GLY A 28 -5.58 28.50 36.19
C GLY A 28 -6.45 29.27 35.23
N ILE A 29 -6.27 29.04 33.92
CA ILE A 29 -7.07 29.69 32.87
C ILE A 29 -8.30 28.84 32.62
N LYS A 30 -9.46 29.48 32.52
CA LYS A 30 -10.70 28.81 32.12
C LYS A 30 -10.80 28.81 30.61
N VAL A 31 -11.03 27.64 30.02
CA VAL A 31 -11.07 27.50 28.57
C VAL A 31 -12.50 27.27 28.15
N VAL A 32 -12.95 28.06 27.19
CA VAL A 32 -14.20 27.86 26.49
C VAL A 32 -13.84 27.26 25.14
N TYR A 33 -14.26 26.02 24.91
CA TYR A 33 -13.85 25.21 23.76
C TYR A 33 -15.09 24.84 22.96
N ASP A 34 -15.09 25.18 21.66
CA ASP A 34 -16.19 24.84 20.78
C ASP A 34 -15.63 24.24 19.51
N VAL A 35 -16.48 23.57 18.73
CA VAL A 35 -16.00 22.75 17.63
C VAL A 35 -16.82 22.97 16.37
N PHE A 36 -16.16 22.67 15.24
CA PHE A 36 -16.72 22.74 13.89
C PHE A 36 -16.27 21.52 13.11
N ASP A 37 -16.93 21.27 11.96
CA ASP A 37 -16.53 20.17 11.08
C ASP A 37 -16.38 20.65 9.65
N SER A 38 -16.22 21.96 9.43
CA SER A 38 -16.23 22.54 8.09
C SER A 38 -15.26 23.71 8.00
N ASN A 39 -14.34 23.66 7.03
CA ASN A 39 -13.53 24.84 6.72
C ASN A 39 -14.39 26.00 6.25
N GLU A 40 -15.46 25.70 5.50
CA GLU A 40 -16.32 26.75 5.00
C GLU A 40 -17.02 27.48 6.13
N VAL A 41 -17.46 26.76 7.16
CA VAL A 41 -18.14 27.41 8.28
C VAL A 41 -17.19 28.36 8.98
N LEU A 42 -15.95 27.89 9.22
CA LEU A 42 -14.94 28.73 9.86
C LEU A 42 -14.60 29.93 8.99
N GLU A 43 -14.38 29.72 7.70
CA GLU A 43 -14.03 30.84 6.83
CA GLU A 43 -14.02 30.84 6.82
C GLU A 43 -15.14 31.89 6.77
N GLY A 44 -16.40 31.44 6.74
CA GLY A 44 -17.53 32.36 6.74
C GLY A 44 -17.57 33.21 7.99
N LYS A 45 -17.29 32.60 9.14
CA LYS A 45 -17.24 33.36 10.38
C LYS A 45 -16.12 34.38 10.34
N LEU A 46 -14.95 33.97 9.85
CA LEU A 46 -13.82 34.90 9.80
C LEU A 46 -14.11 36.08 8.86
N MET A 47 -14.83 35.86 7.77
CA MET A 47 -15.06 36.94 6.82
C MET A 47 -16.27 37.80 7.18
N ALA A 48 -17.17 37.31 8.03
CA ALA A 48 -18.38 38.07 8.34
C ALA A 48 -18.22 39.05 9.50
N GLY A 49 -17.22 38.90 10.34
CA GLY A 49 -17.10 39.78 11.50
C GLY A 49 -16.24 39.09 12.55
N SER A 50 -16.36 39.57 13.79
CA SER A 50 -15.62 38.94 14.88
C SER A 50 -16.09 37.51 15.08
N THR A 51 -15.12 36.59 15.29
CA THR A 51 -15.43 35.20 15.61
C THR A 51 -15.73 34.97 17.09
N GLY A 52 -15.29 35.87 17.94
CA GLY A 52 -15.39 35.68 19.37
C GLY A 52 -14.41 34.69 19.93
N PHE A 53 -13.41 34.28 19.16
CA PHE A 53 -12.43 33.29 19.60
C PHE A 53 -11.04 33.91 19.63
N ASP A 54 -10.22 33.35 20.50
CA ASP A 54 -8.82 33.74 20.64
C ASP A 54 -7.88 32.88 19.80
N LEU A 55 -8.30 31.65 19.48
CA LEU A 55 -7.56 30.72 18.64
C LEU A 55 -8.56 29.95 17.78
N VAL A 56 -8.22 29.74 16.50
CA VAL A 56 -9.03 28.95 15.57
C VAL A 56 -8.08 28.06 14.76
N VAL A 57 -8.65 27.02 14.12
CA VAL A 57 -7.81 25.96 13.52
C VAL A 57 -8.21 25.65 12.07
N PRO A 58 -7.95 26.55 11.13
CA PRO A 58 -8.23 26.27 9.72
C PRO A 58 -7.25 25.30 9.12
N SER A 59 -7.65 24.65 8.03
CA SER A 59 -6.65 24.01 7.18
CA SER A 59 -6.65 24.00 7.18
C SER A 59 -5.77 25.08 6.54
N ALA A 60 -4.50 24.72 6.31
CA ALA A 60 -3.54 25.71 5.82
C ALA A 60 -3.93 26.30 4.47
N SER A 61 -4.55 25.51 3.59
CA SER A 61 -4.89 26.04 2.28
C SER A 61 -6.01 27.07 2.38
N PHE A 62 -6.88 26.94 3.39
CA PHE A 62 -7.90 27.93 3.65
C PHE A 62 -7.28 29.15 4.33
N LEU A 63 -6.31 28.95 5.23
CA LEU A 63 -5.64 30.08 5.83
C LEU A 63 -4.97 30.95 4.78
N GLU A 64 -4.42 30.31 3.73
CA GLU A 64 -3.77 31.09 2.68
C GLU A 64 -4.69 32.18 2.16
N ARG A 65 -5.95 31.80 1.85
CA ARG A 65 -6.95 32.75 1.37
C ARG A 65 -7.31 33.77 2.45
N GLN A 66 -7.47 33.31 3.70
CA GLN A 66 -7.90 34.18 4.79
C GLN A 66 -6.88 35.26 5.13
N LEU A 67 -5.59 34.99 4.90
CA LEU A 67 -4.56 35.98 5.21
C LEU A 67 -4.75 37.25 4.43
N THR A 68 -5.20 37.17 3.17
CA THR A 68 -5.32 38.39 2.40
C THR A 68 -6.45 39.27 2.89
N ALA A 69 -7.34 38.76 3.74
CA ALA A 69 -8.39 39.59 4.31
C ALA A 69 -7.98 40.21 5.65
N GLY A 70 -6.81 39.85 6.17
CA GLY A 70 -6.31 40.44 7.39
C GLY A 70 -6.97 39.94 8.65
N VAL A 71 -7.55 38.74 8.62
CA VAL A 71 -8.32 38.29 9.76
C VAL A 71 -7.46 37.70 10.87
N PHE A 72 -6.15 37.48 10.64
CA PHE A 72 -5.24 36.91 11.64
C PHE A 72 -4.15 37.91 12.01
N GLN A 73 -3.59 37.73 13.18
CA GLN A 73 -2.43 38.51 13.55
C GLN A 73 -1.18 37.63 13.61
N PRO A 74 0.00 38.18 13.33
CA PRO A 74 1.20 37.34 13.26
C PRO A 74 1.57 36.82 14.64
N LEU A 75 2.13 35.61 14.64
CA LEU A 75 2.49 34.97 15.89
C LEU A 75 3.84 35.49 16.35
N ASP A 76 3.89 35.92 17.60
CA ASP A 76 5.12 36.39 18.25
C ASP A 76 5.94 35.17 18.67
N LYS A 77 6.96 34.84 17.87
CA LYS A 77 7.71 33.61 18.11
C LYS A 77 8.46 33.68 19.44
N SER A 78 8.85 34.88 19.85
CA SER A 78 9.55 35.00 21.12
C SER A 78 8.70 34.45 22.25
N LYS A 79 7.38 34.37 22.05
CA LYS A 79 6.50 33.78 23.04
C LYS A 79 6.23 32.31 22.74
N LEU A 80 6.94 31.73 21.78
CA LEU A 80 6.73 30.34 21.37
C LEU A 80 8.08 29.61 21.36
N PRO A 81 8.71 29.47 22.52
CA PRO A 81 10.04 28.88 22.55
C PRO A 81 10.03 27.40 22.16
N GLU A 82 8.94 26.65 22.47
CA GLU A 82 8.91 25.23 22.08
C GLU A 82 8.64 25.09 20.55
N TRP A 83 8.64 26.19 19.79
CA TRP A 83 8.44 26.16 18.34
C TRP A 83 9.42 25.23 17.64
N LYS A 84 10.64 25.13 18.19
CA LYS A 84 11.70 24.35 17.58
C LYS A 84 11.32 22.89 17.44
N ASN A 85 10.34 22.42 18.22
CA ASN A 85 9.94 21.02 18.15
C ASN A 85 9.26 20.67 16.84
N LEU A 86 8.78 21.65 16.08
CA LEU A 86 8.01 21.40 14.86
C LEU A 86 8.91 20.85 13.75
N ASP A 87 8.36 19.93 12.98
CA ASP A 87 9.09 19.31 11.86
C ASP A 87 9.43 20.36 10.80
N PRO A 88 10.72 20.61 10.53
CA PRO A 88 11.05 21.67 9.56
C PRO A 88 10.56 21.38 8.15
N GLU A 89 10.45 20.12 7.74
CA GLU A 89 9.97 19.84 6.40
C GLU A 89 8.48 20.14 6.28
N LEU A 90 7.70 19.86 7.33
CA LEU A 90 6.29 20.25 7.34
C LEU A 90 6.14 21.77 7.39
N LEU A 91 6.99 22.46 8.18
CA LEU A 91 6.92 23.92 8.20
C LEU A 91 7.12 24.49 6.79
N LYS A 92 8.04 23.91 6.03
CA LYS A 92 8.30 24.40 4.68
C LYS A 92 7.08 24.20 3.78
N LEU A 93 6.40 23.06 3.92
CA LEU A 93 5.19 22.85 3.13
C LEU A 93 4.10 23.84 3.51
N VAL A 94 3.91 24.07 4.81
CA VAL A 94 2.88 25.02 5.25
C VAL A 94 3.28 26.44 4.86
N ALA A 95 4.59 26.72 4.77
CA ALA A 95 5.04 28.07 4.38
C ALA A 95 4.63 28.41 2.96
N LYS A 96 4.29 27.41 2.13
CA LYS A 96 3.71 27.70 0.81
C LYS A 96 2.38 28.42 0.93
N HIS A 97 1.65 28.14 2.00
CA HIS A 97 0.39 28.82 2.29
C HIS A 97 0.55 30.05 3.21
N ASP A 98 1.57 30.03 4.06
CA ASP A 98 1.81 31.01 5.12
C ASP A 98 3.27 31.41 5.03
N PRO A 99 3.60 32.36 4.15
CA PRO A 99 5.02 32.70 3.93
C PRO A 99 5.77 33.00 5.23
N ASP A 100 6.95 32.39 5.35
CA ASP A 100 7.85 32.50 6.51
C ASP A 100 7.17 32.07 7.81
N ASN A 101 6.13 31.25 7.70
CA ASN A 101 5.41 30.72 8.86
C ASN A 101 5.05 31.84 9.84
N LYS A 102 4.54 32.96 9.31
CA LYS A 102 4.31 34.11 10.18
C LYS A 102 3.03 34.00 10.99
N PHE A 103 2.00 33.30 10.49
CA PHE A 103 0.69 33.31 11.11
C PHE A 103 0.21 31.99 11.67
N ALA A 104 0.75 30.85 11.26
CA ALA A 104 0.12 29.57 11.53
C ALA A 104 1.05 28.60 12.26
N MET A 105 0.50 27.90 13.25
CA MET A 105 1.24 26.84 13.94
C MET A 105 0.69 25.49 13.53
N PRO A 106 1.47 24.68 12.81
CA PRO A 106 0.98 23.35 12.42
C PRO A 106 0.62 22.50 13.63
N TYR A 107 -0.51 21.85 13.51
CA TYR A 107 -1.05 21.06 14.61
C TYR A 107 -1.04 19.57 14.28
N MET A 108 -1.88 19.16 13.33
CA MET A 108 -2.00 17.79 12.86
C MET A 108 -2.06 17.79 11.33
N TRP A 109 -1.80 16.63 10.73
CA TRP A 109 -1.98 16.51 9.29
C TRP A 109 -2.44 15.09 8.97
N ALA A 110 -3.13 14.96 7.83
CA ALA A 110 -3.52 13.64 7.35
C ALA A 110 -3.98 13.72 5.90
N THR A 111 -4.72 12.71 5.44
CA THR A 111 -5.17 12.62 4.05
C THR A 111 -6.68 12.40 3.99
N THR A 112 -7.24 12.73 2.81
CA THR A 112 -8.64 12.52 2.49
C THR A 112 -8.74 11.27 1.64
N GLY A 113 -9.29 10.21 2.23
CA GLY A 113 -9.28 8.90 1.60
C GLY A 113 -10.61 8.21 1.74
N ILE A 114 -10.58 6.89 1.81
CA ILE A 114 -11.79 6.07 1.85
C ILE A 114 -11.82 5.32 3.17
N GLY A 115 -12.87 5.55 3.96
CA GLY A 115 -13.15 4.71 5.12
C GLY A 115 -14.19 3.67 4.76
N TYR A 116 -14.02 2.46 5.27
CA TYR A 116 -14.96 1.44 4.83
C TYR A 116 -15.09 0.31 5.85
N ASN A 117 -16.25 -0.34 5.82
CA ASN A 117 -16.51 -1.56 6.57
C ASN A 117 -15.96 -2.73 5.75
N VAL A 118 -14.92 -3.38 6.29
CA VAL A 118 -14.22 -4.42 5.54
C VAL A 118 -15.17 -5.53 5.10
N ASP A 119 -15.97 -6.05 6.04
CA ASP A 119 -16.79 -7.20 5.75
C ASP A 119 -17.92 -6.84 4.79
N LYS A 120 -18.53 -5.68 4.96
CA LYS A 120 -19.64 -5.33 4.11
C LYS A 120 -19.18 -5.07 2.68
N VAL A 121 -18.05 -4.39 2.50
CA VAL A 121 -17.57 -4.10 1.15
C VAL A 121 -17.16 -5.39 0.44
N LYS A 122 -16.52 -6.31 1.17
CA LYS A 122 -16.14 -7.58 0.53
C LYS A 122 -17.35 -8.45 0.23
N ALA A 123 -18.40 -8.34 1.05
CA ALA A 123 -19.64 -9.06 0.74
C ALA A 123 -20.28 -8.54 -0.54
N VAL A 124 -20.30 -7.22 -0.73
CA VAL A 124 -20.99 -6.62 -1.86
C VAL A 124 -20.15 -6.74 -3.13
N LEU A 125 -18.88 -6.37 -3.07
CA LEU A 125 -18.04 -6.32 -4.25
C LEU A 125 -17.07 -7.52 -4.37
N GLY A 126 -17.10 -8.44 -3.41
CA GLY A 126 -16.29 -9.64 -3.46
C GLY A 126 -14.99 -9.50 -2.69
N GLU A 127 -14.31 -10.63 -2.48
CA GLU A 127 -13.06 -10.58 -1.72
C GLU A 127 -12.04 -9.65 -2.33
N ASN A 128 -12.02 -9.54 -3.65
CA ASN A 128 -11.07 -8.65 -4.32
C ASN A 128 -11.66 -7.28 -4.62
N ALA A 129 -12.61 -6.82 -3.77
CA ALA A 129 -13.10 -5.45 -3.89
C ALA A 129 -11.92 -4.47 -3.98
N PRO A 130 -12.00 -3.43 -4.84
CA PRO A 130 -10.83 -2.56 -5.08
C PRO A 130 -10.65 -1.47 -4.02
N VAL A 131 -10.44 -1.89 -2.77
CA VAL A 131 -10.34 -0.94 -1.66
C VAL A 131 -9.04 -0.17 -1.73
N ASP A 132 -8.17 -0.52 -2.68
CA ASP A 132 -6.94 0.23 -2.90
C ASP A 132 -7.07 1.29 -3.97
N SER A 133 -8.30 1.63 -4.39
CA SER A 133 -8.48 2.48 -5.55
C SER A 133 -9.69 3.37 -5.33
N TRP A 134 -9.63 4.61 -5.84
CA TRP A 134 -10.83 5.43 -5.88
C TRP A 134 -11.94 4.79 -6.71
N ASP A 135 -11.64 3.78 -7.55
CA ASP A 135 -12.67 3.03 -8.25
C ASP A 135 -13.75 2.52 -7.30
N LEU A 136 -13.38 2.25 -6.05
CA LEU A 136 -14.32 1.66 -5.12
C LEU A 136 -15.57 2.51 -5.03
N ILE A 137 -15.40 3.83 -5.04
CA ILE A 137 -16.50 4.74 -4.75
CA ILE A 137 -16.48 4.75 -4.73
C ILE A 137 -16.76 5.75 -5.86
N LEU A 138 -15.85 5.90 -6.84
CA LEU A 138 -16.05 6.84 -7.94
C LEU A 138 -16.38 6.15 -9.25
N LYS A 139 -16.43 4.81 -9.29
CA LYS A 139 -16.96 4.07 -10.41
C LYS A 139 -18.44 3.85 -10.16
N PRO A 140 -19.34 4.39 -11.01
CA PRO A 140 -20.78 4.27 -10.74
C PRO A 140 -21.27 2.84 -10.53
N GLU A 141 -20.72 1.89 -11.29
CA GLU A 141 -21.16 0.50 -11.15
C GLU A 141 -20.86 -0.05 -9.76
N ASN A 142 -19.75 0.36 -9.16
CA ASN A 142 -19.46 -0.06 -7.80
C ASN A 142 -20.34 0.65 -6.80
N LEU A 143 -20.51 1.95 -6.96
CA LEU A 143 -21.30 2.68 -5.98
C LEU A 143 -22.75 2.24 -5.99
N GLU A 144 -23.28 1.86 -7.16
CA GLU A 144 -24.65 1.35 -7.24
C GLU A 144 -24.85 0.11 -6.38
N LYS A 145 -23.81 -0.72 -6.24
CA LYS A 145 -23.90 -1.91 -5.40
C LYS A 145 -23.71 -1.57 -3.93
N LEU A 146 -22.78 -0.67 -3.62
CA LEU A 146 -22.49 -0.31 -2.24
C LEU A 146 -23.62 0.49 -1.62
N LYS A 147 -24.48 1.06 -2.44
CA LYS A 147 -25.66 1.73 -1.91
C LYS A 147 -26.38 0.81 -0.93
N SER A 148 -26.31 -0.51 -1.16
CA SER A 148 -27.02 -1.49 -0.34
C SER A 148 -26.65 -1.37 1.15
N CYS A 149 -25.46 -0.87 1.47
CA CYS A 149 -25.08 -0.74 2.86
C CYS A 149 -24.74 0.70 3.26
N GLY A 150 -24.92 1.68 2.38
CA GLY A 150 -24.81 3.08 2.77
C GLY A 150 -23.50 3.73 2.40
N VAL A 151 -23.58 4.89 1.75
CA VAL A 151 -22.46 5.64 1.20
C VAL A 151 -22.55 7.08 1.70
N SER A 152 -21.43 7.62 2.19
CA SER A 152 -21.39 9.05 2.49
C SER A 152 -20.18 9.72 1.86
N PHE A 153 -20.38 11.01 1.49
CA PHE A 153 -19.29 11.88 1.05
C PHE A 153 -19.11 13.04 2.03
N LEU A 154 -17.86 13.53 2.14
CA LEU A 154 -17.62 14.73 2.90
C LEU A 154 -18.39 15.91 2.32
N ASP A 155 -18.85 16.79 3.20
CA ASP A 155 -19.41 18.07 2.78
C ASP A 155 -18.27 19.10 2.67
N ALA A 156 -17.34 18.77 1.77
CA ALA A 156 -16.08 19.50 1.64
C ALA A 156 -15.80 19.71 0.16
N PRO A 157 -16.40 20.76 -0.44
CA PRO A 157 -16.37 20.88 -1.90
C PRO A 157 -14.97 20.99 -2.52
N GLU A 158 -14.03 21.74 -1.91
CA GLU A 158 -12.73 21.84 -2.54
C GLU A 158 -12.02 20.50 -2.54
N GLU A 159 -12.17 19.73 -1.47
CA GLU A 159 -11.51 18.43 -1.37
C GLU A 159 -12.15 17.40 -2.31
N VAL A 160 -13.47 17.39 -2.38
CA VAL A 160 -14.15 16.43 -3.26
C VAL A 160 -13.84 16.72 -4.72
N PHE A 161 -13.92 17.97 -5.14
CA PHE A 161 -13.62 18.25 -6.55
C PHE A 161 -12.16 17.94 -6.91
N ALA A 162 -11.19 18.29 -6.03
CA ALA A 162 -9.80 17.96 -6.30
C ALA A 162 -9.60 16.45 -6.42
N THR A 163 -10.26 15.69 -5.54
CA THR A 163 -10.18 14.23 -5.59
C THR A 163 -10.76 13.69 -6.89
N VAL A 164 -11.90 14.23 -7.32
CA VAL A 164 -12.51 13.78 -8.57
C VAL A 164 -11.63 14.14 -9.76
N LEU A 165 -11.10 15.36 -9.79
CA LEU A 165 -10.24 15.78 -10.90
C LEU A 165 -9.01 14.88 -11.01
N ASN A 166 -8.38 14.57 -9.88
CA ASN A 166 -7.23 13.68 -9.89
C ASN A 166 -7.62 12.31 -10.45
N TYR A 167 -8.75 11.79 -10.01
CA TYR A 167 -9.23 10.48 -10.44
C TYR A 167 -9.46 10.44 -11.94
N LEU A 168 -9.96 11.55 -12.49
CA LEU A 168 -10.21 11.65 -13.92
C LEU A 168 -8.95 11.94 -14.73
N GLY A 169 -7.78 11.98 -14.11
CA GLY A 169 -6.54 12.23 -14.82
C GLY A 169 -6.26 13.68 -15.10
N LYS A 170 -6.95 14.59 -14.43
CA LYS A 170 -6.73 16.02 -14.57
C LYS A 170 -5.82 16.51 -13.45
N ASP A 171 -5.36 17.73 -13.59
CA ASP A 171 -4.67 18.43 -12.50
C ASP A 171 -5.63 18.53 -11.33
N PRO A 172 -5.28 18.03 -10.15
CA PRO A 172 -6.20 18.13 -9.00
C PRO A 172 -6.64 19.55 -8.73
N ASN A 173 -5.78 20.50 -9.07
CA ASN A 173 -6.04 21.92 -8.91
C ASN A 173 -6.24 22.60 -10.26
N SER A 174 -6.89 21.88 -11.16
CA SER A 174 -7.14 22.43 -12.48
C SER A 174 -7.71 23.84 -12.44
N THR A 175 -7.21 24.66 -13.35
CA THR A 175 -7.76 26.00 -13.56
C THR A 175 -8.60 26.10 -14.83
N LYS A 176 -8.98 24.98 -15.42
CA LYS A 176 -9.82 24.95 -16.62
C LYS A 176 -11.26 24.80 -16.18
N ALA A 177 -12.08 25.83 -16.43
CA ALA A 177 -13.46 25.80 -15.94
C ALA A 177 -14.23 24.59 -16.46
N ASP A 178 -14.00 24.21 -17.73
CA ASP A 178 -14.74 23.09 -18.34
C ASP A 178 -14.47 21.78 -17.62
N ASP A 179 -13.32 21.64 -16.96
CA ASP A 179 -13.08 20.42 -16.19
C ASP A 179 -14.10 20.26 -15.08
N TYR A 180 -14.52 21.39 -14.48
CA TYR A 180 -15.51 21.37 -13.40
C TYR A 180 -16.92 21.20 -13.93
N THR A 181 -17.30 22.01 -14.94
CA THR A 181 -18.67 21.98 -15.44
C THR A 181 -18.94 20.74 -16.28
N GLY A 182 -17.92 20.20 -16.93
CA GLY A 182 -18.08 19.03 -17.76
C GLY A 182 -17.82 17.73 -17.02
N PRO A 183 -16.61 17.16 -17.16
CA PRO A 183 -16.38 15.81 -16.62
C PRO A 183 -16.57 15.66 -15.11
N ALA A 184 -16.11 16.61 -14.29
CA ALA A 184 -16.24 16.41 -12.84
C ALA A 184 -17.69 16.45 -12.41
N THR A 185 -18.46 17.43 -12.92
CA THR A 185 -19.89 17.46 -12.61
C THR A 185 -20.59 16.23 -13.18
N ASP A 186 -20.24 15.83 -14.40
CA ASP A 186 -20.90 14.67 -14.99
C ASP A 186 -20.74 13.44 -14.11
N LEU A 187 -19.51 13.17 -13.65
CA LEU A 187 -19.29 11.98 -12.82
C LEU A 187 -20.01 12.12 -11.48
N LEU A 188 -19.90 13.27 -10.85
CA LEU A 188 -20.56 13.40 -9.55
C LEU A 188 -22.08 13.25 -9.67
N LEU A 189 -22.68 13.73 -10.75
CA LEU A 189 -24.11 13.58 -10.90
C LEU A 189 -24.51 12.13 -11.15
N LYS A 190 -23.65 11.36 -11.81
CA LYS A 190 -23.92 9.94 -11.97
C LYS A 190 -23.77 9.17 -10.65
N LEU A 191 -22.90 9.65 -9.76
CA LEU A 191 -22.73 9.01 -8.46
C LEU A 191 -23.83 9.41 -7.48
N ARG A 192 -24.35 10.63 -7.60
CA ARG A 192 -25.24 11.23 -6.60
C ARG A 192 -26.41 10.37 -6.16
N PRO A 193 -27.12 9.67 -7.04
CA PRO A 193 -28.27 8.89 -6.57
C PRO A 193 -27.92 7.82 -5.56
N ASN A 194 -26.64 7.42 -5.50
CA ASN A 194 -26.21 6.34 -4.63
C ASN A 194 -25.63 6.85 -3.31
N ILE A 195 -25.54 8.16 -3.13
CA ILE A 195 -24.93 8.75 -1.94
C ILE A 195 -26.02 9.05 -0.92
N ARG A 196 -25.92 8.46 0.28
CA ARG A 196 -26.94 8.68 1.29
CA ARG A 196 -26.94 8.67 1.31
C ARG A 196 -26.94 10.13 1.77
N TYR A 197 -25.76 10.66 2.11
CA TYR A 197 -25.70 12.04 2.57
C TYR A 197 -24.32 12.62 2.35
N PHE A 198 -24.25 13.95 2.38
CA PHE A 198 -22.99 14.71 2.37
C PHE A 198 -22.81 15.26 3.78
N HIS A 199 -21.83 14.76 4.52
CA HIS A 199 -21.61 15.23 5.88
C HIS A 199 -20.19 14.91 6.30
N SER A 200 -19.61 15.80 7.11
CA SER A 200 -18.20 15.69 7.45
C SER A 200 -17.96 15.28 8.90
N SER A 201 -18.99 14.82 9.62
CA SER A 201 -18.72 14.23 10.94
C SER A 201 -19.65 13.07 11.31
N GLN A 202 -20.87 13.01 10.79
CA GLN A 202 -21.76 11.91 11.13
C GLN A 202 -21.21 10.57 10.68
N TYR A 203 -20.36 10.57 9.67
CA TYR A 203 -19.86 9.34 9.11
C TYR A 203 -18.96 8.58 10.09
N ILE A 204 -18.43 9.23 11.14
CA ILE A 204 -17.58 8.53 12.08
C ILE A 204 -18.40 7.50 12.86
N ASN A 205 -19.44 7.97 13.55
CA ASN A 205 -20.21 7.01 14.31
C ASN A 205 -20.98 6.07 13.40
N ASP A 206 -21.38 6.53 12.21
CA ASP A 206 -22.13 5.63 11.32
C ASP A 206 -21.24 4.51 10.83
N LEU A 207 -19.97 4.79 10.53
CA LEU A 207 -19.04 3.71 10.21
C LEU A 207 -18.87 2.79 11.42
N ALA A 208 -18.70 3.38 12.61
CA ALA A 208 -18.43 2.58 13.79
C ALA A 208 -19.59 1.65 14.14
N ASN A 209 -20.82 2.09 13.88
CA ASN A 209 -22.02 1.35 14.27
C ASN A 209 -22.52 0.43 13.17
N GLY A 210 -21.94 0.46 11.99
CA GLY A 210 -22.39 -0.37 10.90
C GLY A 210 -23.50 0.23 10.06
N ASP A 211 -23.82 1.52 10.26
CA ASP A 211 -24.93 2.13 9.55
C ASP A 211 -24.56 2.57 8.13
N ILE A 212 -23.29 2.86 7.86
CA ILE A 212 -22.82 3.02 6.49
C ILE A 212 -21.62 2.11 6.33
N CYS A 213 -21.35 1.71 5.09
CA CYS A 213 -20.23 0.82 4.82
C CYS A 213 -19.09 1.47 4.05
N VAL A 214 -19.27 2.68 3.49
CA VAL A 214 -18.17 3.35 2.79
C VAL A 214 -18.35 4.86 2.88
N ALA A 215 -17.23 5.58 2.99
CA ALA A 215 -17.26 7.03 3.11
C ALA A 215 -16.00 7.64 2.55
N ILE A 216 -16.12 8.80 1.91
CA ILE A 216 -14.97 9.69 1.82
C ILE A 216 -14.76 10.26 3.22
N GLY A 217 -13.54 10.12 3.73
CA GLY A 217 -13.31 10.51 5.10
C GLY A 217 -11.87 10.95 5.30
N TRP A 218 -11.68 11.68 6.38
CA TRP A 218 -10.36 12.08 6.84
C TRP A 218 -9.75 10.95 7.68
N ALA A 219 -8.47 10.65 7.43
CA ALA A 219 -7.86 9.41 7.92
C ALA A 219 -8.12 9.18 9.43
N GLY A 220 -7.72 10.13 10.28
CA GLY A 220 -7.84 9.91 11.72
C GLY A 220 -9.27 9.74 12.18
N ASP A 221 -10.21 10.45 11.54
CA ASP A 221 -11.63 10.23 11.81
C ASP A 221 -12.01 8.76 11.59
N VAL A 222 -11.54 8.19 10.48
CA VAL A 222 -11.86 6.79 10.19
C VAL A 222 -11.17 5.85 11.18
N TRP A 223 -9.91 6.11 11.55
CA TRP A 223 -9.27 5.28 12.55
C TRP A 223 -9.97 5.39 13.90
N GLN A 224 -10.51 6.58 14.23
CA GLN A 224 -11.33 6.72 15.44
C GLN A 224 -12.54 5.83 15.34
N ALA A 225 -13.22 5.86 14.19
CA ALA A 225 -14.38 5.00 13.99
C ALA A 225 -14.01 3.53 14.20
N SER A 226 -12.87 3.12 13.63
CA SER A 226 -12.41 1.75 13.79
C SER A 226 -12.21 1.39 15.27
N ASN A 227 -11.57 2.30 16.02
CA ASN A 227 -11.31 2.07 17.44
C ASN A 227 -12.58 2.08 18.27
N ARG A 228 -13.54 2.91 17.91
CA ARG A 228 -14.81 2.94 18.66
C ARG A 228 -15.55 1.63 18.51
N ALA A 229 -15.56 1.07 17.29
CA ALA A 229 -16.18 -0.23 17.09
C ALA A 229 -15.45 -1.30 17.90
N LYS A 230 -14.11 -1.25 17.91
CA LYS A 230 -13.37 -2.25 18.68
C LYS A 230 -13.67 -2.13 20.17
N GLU A 231 -13.70 -0.92 20.70
CA GLU A 231 -13.99 -0.74 22.12
C GLU A 231 -15.42 -1.17 22.43
N ALA A 232 -16.35 -0.98 21.49
CA ALA A 232 -17.71 -1.46 21.69
C ALA A 232 -17.86 -2.96 21.55
N LYS A 233 -16.82 -3.64 21.06
CA LYS A 233 -16.89 -5.07 20.81
C LYS A 233 -18.16 -5.44 20.04
N ASN A 234 -18.45 -4.67 19.00
CA ASN A 234 -19.66 -4.86 18.22
C ASN A 234 -19.42 -5.64 16.92
N GLY A 235 -18.22 -6.16 16.71
CA GLY A 235 -17.95 -6.95 15.52
C GLY A 235 -17.78 -6.17 14.24
N VAL A 236 -17.85 -4.84 14.26
CA VAL A 236 -17.66 -4.02 13.06
C VAL A 236 -16.17 -3.78 12.84
N ASN A 237 -15.71 -4.04 11.61
CA ASN A 237 -14.30 -3.93 11.22
C ASN A 237 -14.19 -2.81 10.19
N VAL A 238 -13.68 -1.65 10.61
CA VAL A 238 -13.54 -0.47 9.77
C VAL A 238 -12.07 -0.29 9.45
N SER A 239 -11.77 0.07 8.20
CA SER A 239 -10.40 0.38 7.82
C SER A 239 -10.41 1.64 6.95
N PHE A 240 -9.19 2.08 6.62
CA PHE A 240 -8.98 3.31 5.86
C PHE A 240 -7.96 3.04 4.78
N SER A 241 -8.17 3.66 3.62
CA SER A 241 -7.32 3.49 2.46
C SER A 241 -6.91 4.84 1.90
N ILE A 242 -5.59 4.99 1.68
CA ILE A 242 -5.01 6.03 0.83
C ILE A 242 -4.90 5.40 -0.56
N PRO A 243 -5.78 5.74 -1.51
CA PRO A 243 -5.83 4.96 -2.76
C PRO A 243 -4.62 5.15 -3.68
N LYS A 244 -4.49 4.18 -4.59
CA LYS A 244 -3.30 4.07 -5.43
C LYS A 244 -3.13 5.26 -6.38
N GLU A 245 -4.21 5.90 -6.78
CA GLU A 245 -4.16 7.05 -7.67
C GLU A 245 -3.69 8.32 -7.00
N GLY A 246 -3.46 8.28 -5.69
CA GLY A 246 -3.12 9.46 -4.92
C GLY A 246 -4.29 9.95 -4.10
N ALA A 247 -4.01 10.89 -3.21
CA ALA A 247 -5.04 11.48 -2.36
C ALA A 247 -4.55 12.85 -1.89
N MET A 248 -5.50 13.67 -1.46
CA MET A 248 -5.18 15.01 -0.94
C MET A 248 -4.63 14.91 0.48
N ALA A 249 -3.54 15.64 0.76
CA ALA A 249 -3.05 15.82 2.11
C ALA A 249 -3.49 17.20 2.59
N PHE A 250 -3.80 17.32 3.88
CA PHE A 250 -4.12 18.60 4.50
C PHE A 250 -3.30 18.79 5.77
N PHE A 251 -3.08 20.06 6.10
CA PHE A 251 -2.25 20.46 7.25
C PHE A 251 -3.10 21.45 8.04
N ASP A 252 -3.58 21.03 9.21
CA ASP A 252 -4.40 21.91 10.03
C ASP A 252 -3.52 22.68 10.98
N VAL A 253 -3.84 23.96 11.16
CA VAL A 253 -2.94 24.91 11.83
C VAL A 253 -3.72 25.75 12.81
N PHE A 254 -3.10 26.03 13.96
CA PHE A 254 -3.65 27.04 14.86
C PHE A 254 -3.30 28.44 14.37
N ALA A 255 -4.27 29.36 14.46
CA ALA A 255 -4.07 30.75 14.09
C ALA A 255 -4.78 31.65 15.09
N MET A 256 -4.33 32.90 15.20
CA MET A 256 -4.86 33.83 16.19
C MET A 256 -5.66 34.94 15.52
N PRO A 257 -6.99 35.02 15.70
CA PRO A 257 -7.73 36.14 15.11
C PRO A 257 -7.14 37.48 15.50
N ALA A 258 -7.25 38.44 14.57
CA ALA A 258 -6.69 39.77 14.75
C ALA A 258 -7.36 40.51 15.91
N ASP A 259 -8.60 40.18 16.26
CA ASP A 259 -9.25 40.82 17.40
C ASP A 259 -9.28 39.93 18.64
N ALA A 260 -8.37 38.94 18.74
CA ALA A 260 -8.33 38.10 19.93
C ALA A 260 -8.20 38.94 21.19
N LYS A 261 -8.93 38.54 22.22
CA LYS A 261 -8.95 39.31 23.46
C LYS A 261 -7.86 38.87 24.42
N ASN A 262 -7.65 37.55 24.56
CA ASN A 262 -6.74 37.00 25.57
C ASN A 262 -5.50 36.42 24.90
N LYS A 263 -4.63 37.31 24.41
CA LYS A 263 -3.49 36.85 23.63
C LYS A 263 -2.46 36.12 24.48
N ASP A 264 -2.15 36.63 25.69
CA ASP A 264 -1.17 35.95 26.52
C ASP A 264 -1.63 34.52 26.84
N GLU A 265 -2.92 34.36 27.15
CA GLU A 265 -3.46 33.02 27.40
C GLU A 265 -3.37 32.15 26.17
N ALA A 266 -3.61 32.74 25.00
CA ALA A 266 -3.53 32.01 23.75
C ALA A 266 -2.12 31.49 23.53
N TYR A 267 -1.12 32.33 23.78
CA TYR A 267 0.25 31.84 23.67
C TYR A 267 0.57 30.76 24.69
N GLN A 268 0.05 30.89 25.90
CA GLN A 268 0.25 29.81 26.88
C GLN A 268 -0.30 28.49 26.34
N PHE A 269 -1.47 28.55 25.68
CA PHE A 269 -2.06 27.32 25.16
C PHE A 269 -1.26 26.78 23.98
N LEU A 270 -0.81 27.65 23.09
CA LEU A 270 0.01 27.19 21.97
C LEU A 270 1.30 26.54 22.46
N ASN A 271 1.95 27.13 23.45
CA ASN A 271 3.19 26.55 23.94
C ASN A 271 2.95 25.22 24.64
N TYR A 272 1.79 25.09 25.28
CA TYR A 272 1.38 23.82 25.85
C TYR A 272 1.29 22.75 24.76
N LEU A 273 0.70 23.10 23.61
CA LEU A 273 0.57 22.14 22.52
C LEU A 273 1.92 21.80 21.87
N LEU A 274 2.91 22.70 21.97
CA LEU A 274 4.24 22.41 21.43
C LEU A 274 5.05 21.47 22.34
N ARG A 275 4.56 21.19 23.54
CA ARG A 275 5.23 20.23 24.41
C ARG A 275 5.07 18.82 23.87
N PRO A 276 6.17 18.08 23.60
CA PRO A 276 6.04 16.80 22.89
C PRO A 276 5.10 15.82 23.57
N ASP A 277 5.13 15.70 24.90
CA ASP A 277 4.26 14.72 25.55
C ASP A 277 2.78 15.10 25.43
N VAL A 278 2.48 16.39 25.39
CA VAL A 278 1.08 16.84 25.27
C VAL A 278 0.48 16.46 23.92
N VAL A 279 1.23 16.74 22.84
CA VAL A 279 0.69 16.53 21.50
C VAL A 279 0.79 15.06 21.10
N ALA A 280 1.79 14.32 21.62
CA ALA A 280 1.82 12.88 21.41
C ALA A 280 0.60 12.23 22.04
N HIS A 281 0.22 12.68 23.24
CA HIS A 281 -0.97 12.17 23.89
C HIS A 281 -2.21 12.43 23.05
N ILE A 282 -2.26 13.58 22.38
CA ILE A 282 -3.41 13.86 21.52
C ILE A 282 -3.44 12.87 20.36
N SER A 283 -2.31 12.70 19.67
CA SER A 283 -2.26 11.74 18.56
C SER A 283 -2.70 10.35 19.00
N ASP A 284 -2.33 9.96 20.23
CA ASP A 284 -2.70 8.65 20.75
C ASP A 284 -4.21 8.46 20.81
N HIS A 285 -4.96 9.55 21.05
CA HIS A 285 -6.41 9.48 21.20
C HIS A 285 -7.20 9.80 19.94
N VAL A 286 -6.67 10.66 19.04
CA VAL A 286 -7.39 11.01 17.83
C VAL A 286 -6.86 10.34 16.57
N PHE A 287 -5.74 9.62 16.64
CA PHE A 287 -5.21 8.83 15.52
C PHE A 287 -4.85 9.70 14.33
N TYR A 288 -4.29 10.88 14.63
CA TYR A 288 -3.72 11.80 13.65
C TYR A 288 -2.25 12.01 13.95
N ALA A 289 -1.46 12.10 12.89
CA ALA A 289 -0.06 12.49 12.98
C ALA A 289 0.02 13.96 13.37
N ASN A 290 0.79 14.25 14.41
CA ASN A 290 1.01 15.63 14.77
C ASN A 290 2.21 16.14 14.00
N ALA A 291 2.41 17.45 14.01
CA ALA A 291 3.46 18.08 13.24
C ALA A 291 4.75 18.28 14.03
N ASN A 292 4.87 17.61 15.18
CA ASN A 292 5.93 17.85 16.17
C ASN A 292 6.95 16.72 16.09
N LYS A 293 8.14 17.03 15.59
CA LYS A 293 9.13 15.98 15.35
C LYS A 293 9.68 15.41 16.66
N ALA A 294 9.81 16.25 17.68
CA ALA A 294 10.23 15.77 18.99
C ALA A 294 9.23 14.82 19.61
N ALA A 295 7.95 14.92 19.21
CA ALA A 295 6.89 14.11 19.81
C ALA A 295 6.83 12.70 19.23
N THR A 296 7.35 12.48 18.02
CA THR A 296 7.07 11.22 17.33
C THR A 296 7.45 9.99 18.13
N PRO A 297 8.60 9.91 18.77
CA PRO A 297 8.92 8.69 19.52
C PRO A 297 8.03 8.48 20.74
N LEU A 298 7.32 9.52 21.19
CA LEU A 298 6.45 9.38 22.35
C LEU A 298 5.06 8.89 21.97
N VAL A 299 4.73 8.95 20.68
CA VAL A 299 3.45 8.49 20.18
C VAL A 299 3.39 6.97 20.32
N SER A 300 2.22 6.45 20.65
CA SER A 300 2.07 5.01 20.79
C SER A 300 2.45 4.31 19.50
N ALA A 301 3.01 3.11 19.62
CA ALA A 301 3.37 2.35 18.43
C ALA A 301 2.16 2.08 17.55
N GLU A 302 1.00 1.81 18.15
CA GLU A 302 -0.21 1.55 17.37
C GLU A 302 -0.47 2.68 16.40
N VAL A 303 -0.24 3.91 16.81
CA VAL A 303 -0.48 5.06 15.93
C VAL A 303 0.72 5.35 15.03
N ARG A 304 1.92 5.41 15.62
CA ARG A 304 3.10 5.83 14.86
C ARG A 304 3.45 4.88 13.72
N GLU A 305 3.17 3.59 13.91
CA GLU A 305 3.52 2.58 12.93
C GLU A 305 2.37 2.29 11.97
N ASN A 306 1.27 3.05 12.01
CA ASN A 306 0.18 2.88 11.06
C ASN A 306 0.47 3.67 9.80
N PRO A 307 0.72 3.02 8.66
CA PRO A 307 1.07 3.78 7.45
C PRO A 307 -0.09 4.60 6.88
N GLY A 308 -1.30 4.47 7.41
CA GLY A 308 -2.42 5.32 7.07
C GLY A 308 -2.54 6.52 7.97
N ILE A 309 -1.57 6.67 8.88
CA ILE A 309 -1.49 7.82 9.77
C ILE A 309 -0.17 8.57 9.58
N TYR A 310 0.97 7.83 9.70
CA TYR A 310 2.33 8.29 9.42
C TYR A 310 2.81 7.55 8.18
N PRO A 311 2.44 8.00 6.98
CA PRO A 311 2.73 7.21 5.79
C PRO A 311 4.19 7.32 5.41
N PRO A 312 4.72 6.29 4.77
CA PRO A 312 6.13 6.31 4.33
C PRO A 312 6.35 7.15 3.07
N ALA A 313 7.63 7.32 2.72
CA ALA A 313 7.98 8.27 1.67
C ALA A 313 7.33 7.93 0.34
N ASP A 314 7.26 6.65 -0.01
CA ASP A 314 6.70 6.31 -1.31
C ASP A 314 5.21 6.65 -1.38
N VAL A 315 4.53 6.59 -0.24
CA VAL A 315 3.12 6.99 -0.22
C VAL A 315 3.01 8.49 -0.20
N ARG A 316 3.82 9.18 0.60
CA ARG A 316 3.74 10.64 0.59
C ARG A 316 3.99 11.20 -0.79
N ALA A 317 4.79 10.51 -1.60
CA ALA A 317 5.14 11.00 -2.93
C ALA A 317 3.96 11.05 -3.87
N LYS A 318 2.87 10.34 -3.55
CA LYS A 318 1.66 10.32 -4.37
C LYS A 318 0.58 11.24 -3.84
N LEU A 319 0.85 12.01 -2.78
CA LEU A 319 -0.14 12.91 -2.21
C LEU A 319 -0.07 14.28 -2.88
N PHE A 320 -1.21 14.95 -2.97
CA PHE A 320 -1.28 16.31 -3.51
C PHE A 320 -1.90 17.23 -2.47
N THR A 321 -1.70 18.53 -2.66
CA THR A 321 -2.29 19.55 -1.79
C THR A 321 -3.16 20.51 -2.59
N LEU A 322 -4.10 21.15 -1.88
CA LEU A 322 -4.95 22.15 -2.50
C LEU A 322 -4.23 23.46 -2.74
N LYS A 323 -4.55 24.05 -3.87
CA LYS A 323 -4.20 25.41 -4.17
C LYS A 323 -5.44 26.28 -4.12
N VAL A 324 -5.25 27.56 -3.85
CA VAL A 324 -6.33 28.54 -3.85
C VAL A 324 -6.69 28.87 -5.28
N GLN A 325 -7.98 28.82 -5.59
CA GLN A 325 -8.43 29.08 -6.95
C GLN A 325 -8.80 30.53 -7.13
N ASP A 326 -8.67 30.97 -8.36
CA ASP A 326 -9.06 32.31 -8.73
C ASP A 326 -10.57 32.47 -8.66
N PRO A 327 -11.04 33.72 -8.74
CA PRO A 327 -12.50 33.96 -8.58
C PRO A 327 -13.38 33.23 -9.58
N LYS A 328 -12.95 33.12 -10.83
CA LYS A 328 -13.79 32.43 -11.81
C LYS A 328 -13.96 30.95 -11.46
N ILE A 329 -12.85 30.26 -11.19
CA ILE A 329 -12.92 28.84 -10.88
C ILE A 329 -13.64 28.64 -9.57
N ASP A 330 -13.41 29.53 -8.60
CA ASP A 330 -14.14 29.39 -7.35
C ASP A 330 -15.65 29.45 -7.58
N ARG A 331 -16.10 30.35 -8.45
CA ARG A 331 -17.53 30.46 -8.71
C ARG A 331 -18.06 29.21 -9.40
N VAL A 332 -17.36 28.75 -10.43
CA VAL A 332 -17.79 27.58 -11.19
C VAL A 332 -17.87 26.35 -10.29
N ARG A 333 -16.84 26.16 -9.44
CA ARG A 333 -16.79 25.03 -8.53
C ARG A 333 -17.96 25.08 -7.53
N THR A 334 -18.22 26.27 -6.97
CA THR A 334 -19.28 26.37 -5.97
C THR A 334 -20.64 26.11 -6.60
N ARG A 335 -20.89 26.62 -7.82
CA ARG A 335 -22.15 26.33 -8.51
C ARG A 335 -22.29 24.84 -8.80
N ALA A 336 -21.18 24.19 -9.21
CA ALA A 336 -21.25 22.76 -9.52
C ALA A 336 -21.55 21.95 -8.27
N TRP A 337 -20.93 22.29 -7.14
CA TRP A 337 -21.19 21.61 -5.87
C TRP A 337 -22.66 21.72 -5.47
N THR A 338 -23.28 22.89 -5.69
CA THR A 338 -24.70 23.05 -5.42
C THR A 338 -25.55 22.08 -6.23
N LYS A 339 -25.24 21.95 -7.53
CA LYS A 339 -25.96 20.98 -8.35
C LYS A 339 -25.82 19.58 -7.79
N VAL A 340 -24.63 19.23 -7.32
CA VAL A 340 -24.34 17.86 -6.90
C VAL A 340 -25.09 17.53 -5.59
N LYS A 341 -25.08 18.44 -4.61
CA LYS A 341 -25.71 18.10 -3.34
C LYS A 341 -27.22 17.94 -3.47
N SER A 342 -27.87 18.73 -4.33
CA SER A 342 -29.32 18.63 -4.50
C SER A 342 -29.71 17.64 -5.58
N GLY A 343 -28.81 16.74 -5.97
CA GLY A 343 -29.10 15.80 -7.04
C GLY A 343 -29.78 14.55 -6.55
N GLN B 3 15.71 -25.92 -40.86
CA GLN B 3 14.90 -26.14 -39.68
C GLN B 3 15.12 -25.06 -38.62
N LYS B 4 14.04 -24.40 -38.26
CA LYS B 4 14.08 -23.33 -37.27
C LYS B 4 14.11 -23.94 -35.86
N THR B 5 14.89 -23.33 -35.00
CA THR B 5 14.99 -23.79 -33.62
C THR B 5 14.94 -22.58 -32.68
N LEU B 6 14.77 -22.86 -31.39
CA LEU B 6 14.64 -21.82 -30.37
C LEU B 6 15.04 -22.41 -29.01
N HIS B 7 15.97 -21.75 -28.29
CA HIS B 7 16.44 -22.23 -26.98
C HIS B 7 15.85 -21.38 -25.85
N ILE B 8 15.14 -22.02 -24.92
CA ILE B 8 14.49 -21.34 -23.81
C ILE B 8 14.95 -21.93 -22.48
N TYR B 9 15.26 -21.06 -21.52
CA TYR B 9 15.63 -21.41 -20.15
C TYR B 9 14.62 -20.76 -19.21
N ASN B 10 13.83 -21.58 -18.52
CA ASN B 10 12.75 -21.08 -17.66
C ASN B 10 12.84 -21.79 -16.32
N TRP B 11 12.12 -21.24 -15.34
CA TRP B 11 11.97 -21.97 -14.07
C TRP B 11 11.36 -23.34 -14.33
N SER B 12 11.74 -24.32 -13.52
CA SER B 12 11.03 -25.59 -13.53
C SER B 12 9.59 -25.39 -13.05
N ASP B 13 8.74 -26.30 -13.45
CA ASP B 13 7.32 -26.24 -13.02
C ASP B 13 6.70 -24.86 -13.26
N TYR B 14 6.85 -24.34 -14.51
CA TYR B 14 6.41 -22.98 -14.83
C TYR B 14 5.89 -22.86 -16.27
N ILE B 15 5.31 -23.93 -16.79
CA ILE B 15 4.66 -23.90 -18.10
C ILE B 15 3.67 -25.06 -18.11
N ALA B 16 2.65 -24.97 -18.96
CA ALA B 16 1.71 -26.07 -19.10
C ALA B 16 2.33 -27.22 -19.87
N PRO B 17 1.79 -28.44 -19.72
CA PRO B 17 2.47 -29.60 -20.34
C PRO B 17 2.49 -29.56 -21.86
N ASP B 18 1.55 -28.88 -22.49
CA ASP B 18 1.44 -28.87 -23.94
C ASP B 18 1.79 -27.52 -24.57
N THR B 19 2.24 -26.54 -23.78
CA THR B 19 2.52 -25.22 -24.34
C THR B 19 3.54 -25.29 -25.46
N VAL B 20 4.70 -25.90 -25.18
CA VAL B 20 5.76 -25.95 -26.17
C VAL B 20 5.32 -26.74 -27.41
N ALA B 21 4.69 -27.90 -27.20
CA ALA B 21 4.28 -28.72 -28.34
C ALA B 21 3.26 -28.01 -29.23
N ASN B 22 2.32 -27.28 -28.60
CA ASN B 22 1.33 -26.53 -29.38
C ASN B 22 2.00 -25.45 -30.22
N PHE B 23 2.95 -24.71 -29.62
CA PHE B 23 3.72 -23.73 -30.35
C PHE B 23 4.46 -24.36 -31.52
N GLU B 24 5.13 -25.49 -31.27
CA GLU B 24 5.85 -26.17 -32.33
C GLU B 24 4.92 -26.55 -33.47
N LYS B 25 3.74 -27.05 -33.14
CA LYS B 25 2.85 -27.53 -34.20
C LYS B 25 2.35 -26.38 -35.06
N GLU B 26 2.09 -25.22 -34.45
CA GLU B 26 1.56 -24.07 -35.17
CA GLU B 26 1.56 -24.07 -35.16
C GLU B 26 2.63 -23.34 -35.99
N THR B 27 3.90 -23.46 -35.61
CA THR B 27 4.96 -22.64 -36.20
C THR B 27 6.01 -23.40 -36.96
N GLY B 28 6.18 -24.69 -36.72
CA GLY B 28 7.26 -25.45 -37.32
C GLY B 28 8.61 -25.23 -36.65
N ILE B 29 8.64 -24.51 -35.55
CA ILE B 29 9.89 -24.24 -34.81
C ILE B 29 10.13 -25.38 -33.83
N LYS B 30 11.36 -25.90 -33.81
CA LYS B 30 11.74 -26.86 -32.81
C LYS B 30 12.27 -26.13 -31.57
N VAL B 31 11.68 -26.39 -30.42
CA VAL B 31 12.04 -25.69 -29.19
C VAL B 31 12.91 -26.59 -28.34
N VAL B 32 14.05 -26.05 -27.89
CA VAL B 32 14.93 -26.70 -26.93
C VAL B 32 14.69 -25.99 -25.60
N TYR B 33 14.15 -26.71 -24.62
CA TYR B 33 13.61 -26.14 -23.38
C TYR B 33 14.34 -26.77 -22.18
N ASP B 34 14.92 -25.94 -21.33
CA ASP B 34 15.58 -26.45 -20.12
C ASP B 34 15.17 -25.57 -18.94
N VAL B 35 15.45 -26.04 -17.72
CA VAL B 35 14.87 -25.42 -16.52
C VAL B 35 15.91 -25.23 -15.42
N PHE B 36 15.61 -24.25 -14.54
CA PHE B 36 16.42 -23.91 -13.36
C PHE B 36 15.48 -23.65 -12.19
N ASP B 37 16.07 -23.64 -10.97
CA ASP B 37 15.26 -23.34 -9.79
C ASP B 37 15.88 -22.25 -8.93
N SER B 38 16.81 -21.47 -9.50
CA SER B 38 17.61 -20.51 -8.74
C SER B 38 17.87 -19.26 -9.58
N ASN B 39 17.52 -18.08 -9.06
CA ASN B 39 17.94 -16.83 -9.70
C ASN B 39 19.46 -16.71 -9.72
N GLU B 40 20.13 -17.21 -8.69
CA GLU B 40 21.59 -17.10 -8.65
C GLU B 40 22.25 -17.95 -9.74
N VAL B 41 21.72 -19.15 -10.00
CA VAL B 41 22.30 -19.96 -11.07
C VAL B 41 22.18 -19.25 -12.42
N LEU B 42 21.01 -18.68 -12.72
CA LEU B 42 20.82 -17.97 -13.98
C LEU B 42 21.73 -16.74 -14.05
N GLU B 43 21.78 -15.96 -12.97
CA GLU B 43 22.64 -14.78 -12.97
CA GLU B 43 22.64 -14.79 -12.98
C GLU B 43 24.10 -15.16 -13.19
N GLY B 44 24.58 -16.21 -12.52
CA GLY B 44 25.96 -16.66 -12.73
C GLY B 44 26.24 -17.01 -14.18
N LYS B 45 25.31 -17.71 -14.82
CA LYS B 45 25.49 -18.06 -16.23
C LYS B 45 25.53 -16.82 -17.10
N LEU B 46 24.65 -15.84 -16.83
CA LEU B 46 24.64 -14.63 -17.64
C LEU B 46 25.93 -13.84 -17.48
N MET B 47 26.52 -13.87 -16.29
CA MET B 47 27.72 -13.07 -16.03
C MET B 47 29.01 -13.76 -16.45
N ALA B 48 29.01 -15.08 -16.62
CA ALA B 48 30.23 -15.81 -16.94
C ALA B 48 30.51 -15.95 -18.42
N GLY B 49 29.52 -15.76 -19.26
CA GLY B 49 29.73 -15.98 -20.69
C GLY B 49 28.39 -16.21 -21.36
N SER B 50 28.44 -16.84 -22.52
CA SER B 50 27.20 -17.15 -23.22
C SER B 50 26.39 -18.15 -22.45
N THR B 51 25.05 -17.92 -22.37
CA THR B 51 24.13 -18.85 -21.74
C THR B 51 23.73 -20.00 -22.64
N GLY B 52 23.86 -19.83 -23.94
CA GLY B 52 23.39 -20.79 -24.91
C GLY B 52 21.91 -20.75 -25.14
N PHE B 53 21.23 -19.68 -24.67
CA PHE B 53 19.78 -19.52 -24.80
C PHE B 53 19.38 -18.27 -25.56
N ASP B 54 18.17 -18.33 -26.14
CA ASP B 54 17.59 -17.21 -26.86
C ASP B 54 16.60 -16.43 -26.01
N LEU B 55 16.04 -17.06 -24.98
CA LEU B 55 15.15 -16.46 -24.00
C LEU B 55 15.43 -17.06 -22.64
N VAL B 56 15.43 -16.23 -21.59
CA VAL B 56 15.63 -16.67 -20.21
C VAL B 56 14.62 -15.90 -19.35
N VAL B 57 14.40 -16.38 -18.13
CA VAL B 57 13.30 -15.86 -17.33
C VAL B 57 13.75 -15.51 -15.91
N PRO B 58 14.50 -14.43 -15.71
CA PRO B 58 14.85 -14.03 -14.35
C PRO B 58 13.68 -13.36 -13.62
N SER B 59 13.81 -13.28 -12.30
CA SER B 59 12.98 -12.34 -11.54
CA SER B 59 12.97 -12.36 -11.54
C SER B 59 13.40 -10.91 -11.86
N ALA B 60 12.43 -9.99 -11.81
CA ALA B 60 12.69 -8.62 -12.22
C ALA B 60 13.78 -7.95 -11.38
N SER B 61 13.85 -8.25 -10.06
CA SER B 61 14.85 -7.58 -9.25
C SER B 61 16.26 -8.04 -9.63
N PHE B 62 16.40 -9.30 -10.07
CA PHE B 62 17.70 -9.76 -10.56
C PHE B 62 17.99 -9.20 -11.94
N LEU B 63 16.97 -9.07 -12.79
CA LEU B 63 17.18 -8.45 -14.09
C LEU B 63 17.73 -7.03 -13.94
N GLU B 64 17.28 -6.25 -12.95
CA GLU B 64 17.85 -4.91 -12.76
C GLU B 64 19.37 -4.97 -12.67
N ARG B 65 19.90 -5.90 -11.87
CA ARG B 65 21.36 -6.02 -11.75
C ARG B 65 21.99 -6.45 -13.05
N GLN B 66 21.35 -7.41 -13.73
CA GLN B 66 21.88 -7.95 -14.98
C GLN B 66 21.94 -6.87 -16.05
N LEU B 67 21.00 -5.93 -16.03
CA LEU B 67 21.08 -4.84 -17.01
C LEU B 67 22.35 -4.00 -16.81
N THR B 68 22.81 -3.84 -15.57
CA THR B 68 24.00 -3.02 -15.41
C THR B 68 25.21 -3.67 -16.07
N ALA B 69 25.14 -4.97 -16.33
CA ALA B 69 26.23 -5.67 -17.00
C ALA B 69 26.03 -5.76 -18.49
N GLY B 70 24.88 -5.33 -19.00
CA GLY B 70 24.69 -5.31 -20.44
C GLY B 70 24.39 -6.68 -21.05
N VAL B 71 23.82 -7.61 -20.28
CA VAL B 71 23.68 -8.98 -20.81
C VAL B 71 22.45 -9.23 -21.66
N PHE B 72 21.52 -8.27 -21.74
CA PHE B 72 20.26 -8.41 -22.50
C PHE B 72 20.20 -7.39 -23.63
N GLN B 73 19.38 -7.68 -24.64
CA GLN B 73 19.14 -6.70 -25.69
C GLN B 73 17.71 -6.20 -25.58
N PRO B 74 17.46 -4.94 -25.93
CA PRO B 74 16.11 -4.41 -25.74
C PRO B 74 15.10 -5.06 -26.68
N LEU B 75 13.86 -5.17 -26.21
CA LEU B 75 12.80 -5.83 -26.97
C LEU B 75 12.20 -4.87 -27.99
N ASP B 76 12.03 -5.35 -29.22
CA ASP B 76 11.44 -4.57 -30.31
C ASP B 76 9.92 -4.62 -30.17
N LYS B 77 9.35 -3.56 -29.62
CA LYS B 77 7.92 -3.54 -29.34
C LYS B 77 7.11 -3.60 -30.63
N SER B 78 7.67 -3.11 -31.73
CA SER B 78 6.99 -3.23 -33.01
C SER B 78 6.75 -4.68 -33.40
N LYS B 79 7.53 -5.62 -32.84
CA LYS B 79 7.36 -7.04 -33.10
C LYS B 79 6.55 -7.75 -32.02
N LEU B 80 5.94 -7.00 -31.10
CA LEU B 80 5.18 -7.55 -29.99
C LEU B 80 3.83 -6.83 -29.97
N PRO B 81 3.02 -7.06 -30.99
CA PRO B 81 1.82 -6.23 -31.16
C PRO B 81 0.78 -6.33 -30.06
N GLU B 82 0.64 -7.48 -29.38
CA GLU B 82 -0.29 -7.62 -28.25
C GLU B 82 0.29 -7.18 -26.90
N TRP B 83 1.42 -6.45 -26.88
CA TRP B 83 2.00 -6.01 -25.61
C TRP B 83 0.95 -5.37 -24.71
N LYS B 84 -0.03 -4.70 -25.32
CA LYS B 84 -1.11 -4.00 -24.60
C LYS B 84 -1.96 -4.92 -23.73
N ASN B 85 -1.91 -6.23 -23.96
CA ASN B 85 -2.62 -7.14 -23.06
C ASN B 85 -2.05 -7.17 -21.66
N LEU B 86 -0.80 -6.76 -21.48
CA LEU B 86 -0.16 -6.88 -20.17
C LEU B 86 -0.77 -5.83 -19.23
N ASP B 87 -0.88 -6.22 -17.98
CA ASP B 87 -1.47 -5.38 -16.94
C ASP B 87 -0.62 -4.13 -16.77
N PRO B 88 -1.15 -2.93 -17.02
CA PRO B 88 -0.32 -1.72 -16.90
C PRO B 88 0.18 -1.50 -15.49
N GLU B 89 -0.53 -1.90 -14.43
CA GLU B 89 0.03 -1.73 -13.09
C GLU B 89 1.21 -2.66 -12.82
N LEU B 90 1.18 -3.89 -13.33
CA LEU B 90 2.35 -4.76 -13.18
C LEU B 90 3.52 -4.23 -13.99
N LEU B 91 3.27 -3.70 -15.18
CA LEU B 91 4.36 -3.09 -15.95
C LEU B 91 5.01 -1.94 -15.17
N LYS B 92 4.22 -1.12 -14.48
CA LYS B 92 4.81 -0.02 -13.72
C LYS B 92 5.70 -0.53 -12.59
N LEU B 93 5.27 -1.60 -11.90
CA LEU B 93 6.11 -2.15 -10.85
C LEU B 93 7.39 -2.73 -11.43
N VAL B 94 7.28 -3.45 -12.55
CA VAL B 94 8.51 -4.02 -13.12
C VAL B 94 9.41 -2.91 -13.64
N ALA B 95 8.85 -1.78 -14.07
CA ALA B 95 9.62 -0.69 -14.62
C ALA B 95 10.52 -0.03 -13.58
N LYS B 96 10.27 -0.28 -12.27
CA LYS B 96 11.22 0.15 -11.25
C LYS B 96 12.59 -0.49 -11.46
N HIS B 97 12.60 -1.71 -11.99
CA HIS B 97 13.79 -2.49 -12.30
C HIS B 97 14.25 -2.34 -13.74
N ASP B 98 13.31 -2.03 -14.62
CA ASP B 98 13.53 -2.01 -16.08
C ASP B 98 12.87 -0.77 -16.62
N PRO B 99 13.51 0.40 -16.51
CA PRO B 99 12.85 1.65 -16.87
C PRO B 99 12.20 1.62 -18.24
N ASP B 100 10.94 2.08 -18.29
CA ASP B 100 10.16 2.15 -19.52
C ASP B 100 9.97 0.79 -20.17
N ASN B 101 10.13 -0.27 -19.39
CA ASN B 101 9.89 -1.66 -19.82
C ASN B 101 10.61 -2.00 -21.11
N LYS B 102 11.90 -1.66 -21.17
CA LYS B 102 12.64 -1.78 -22.43
C LYS B 102 13.13 -3.20 -22.71
N PHE B 103 13.40 -4.01 -21.67
CA PHE B 103 14.08 -5.29 -21.81
C PHE B 103 13.25 -6.51 -21.43
N ALA B 104 12.20 -6.35 -20.63
CA ALA B 104 11.60 -7.49 -19.96
C ALA B 104 10.10 -7.57 -20.23
N MET B 105 9.61 -8.78 -20.49
CA MET B 105 8.19 -9.03 -20.67
C MET B 105 7.66 -9.77 -19.45
N PRO B 106 6.82 -9.15 -18.64
CA PRO B 106 6.28 -9.86 -17.47
C PRO B 106 5.55 -11.13 -17.88
N TYR B 107 5.78 -12.19 -17.10
CA TYR B 107 5.25 -13.52 -17.38
C TYR B 107 4.26 -13.95 -16.30
N MET B 108 4.75 -14.26 -15.10
CA MET B 108 3.96 -14.67 -13.93
C MET B 108 4.46 -13.89 -12.74
N TRP B 109 3.64 -13.84 -11.68
CA TRP B 109 4.05 -13.25 -10.42
C TRP B 109 3.39 -14.01 -9.28
N ALA B 110 4.03 -13.94 -8.11
CA ALA B 110 3.48 -14.52 -6.90
C ALA B 110 4.22 -14.01 -5.67
N THR B 111 4.10 -14.74 -4.56
CA THR B 111 4.66 -14.34 -3.28
C THR B 111 5.48 -15.48 -2.71
N THR B 112 6.38 -15.11 -1.80
CA THR B 112 7.18 -16.06 -1.02
C THR B 112 6.54 -16.17 0.36
N GLY B 113 5.91 -17.30 0.63
CA GLY B 113 5.12 -17.45 1.84
C GLY B 113 5.38 -18.79 2.48
N ILE B 114 4.35 -19.34 3.15
CA ILE B 114 4.49 -20.58 3.91
C ILE B 114 3.60 -21.64 3.29
N GLY B 115 4.21 -22.75 2.87
CA GLY B 115 3.49 -23.94 2.46
C GLY B 115 3.48 -24.94 3.60
N TYR B 116 2.35 -25.62 3.80
CA TYR B 116 2.28 -26.49 4.96
C TYR B 116 1.25 -27.60 4.79
N ASN B 117 1.49 -28.70 5.52
CA ASN B 117 0.53 -29.80 5.65
C ASN B 117 -0.49 -29.44 6.73
N VAL B 118 -1.75 -29.26 6.32
CA VAL B 118 -2.78 -28.76 7.22
C VAL B 118 -2.95 -29.68 8.42
N ASP B 119 -3.10 -30.97 8.16
CA ASP B 119 -3.39 -31.92 9.24
C ASP B 119 -2.22 -32.08 10.18
N LYS B 120 -1.00 -32.09 9.66
CA LYS B 120 0.17 -32.24 10.52
C LYS B 120 0.40 -30.98 11.36
N VAL B 121 0.21 -29.79 10.77
CA VAL B 121 0.43 -28.57 11.55
C VAL B 121 -0.60 -28.46 12.66
N LYS B 122 -1.84 -28.88 12.39
CA LYS B 122 -2.83 -28.83 13.45
C LYS B 122 -2.57 -29.90 14.49
N ALA B 123 -2.04 -31.05 14.07
CA ALA B 123 -1.68 -32.07 15.05
C ALA B 123 -0.62 -31.56 16.01
N VAL B 124 0.39 -30.87 15.50
CA VAL B 124 1.51 -30.42 16.33
C VAL B 124 1.15 -29.15 17.08
N LEU B 125 0.61 -28.15 16.40
CA LEU B 125 0.39 -26.84 17.00
C LEU B 125 -1.05 -26.56 17.37
N GLY B 126 -1.97 -27.48 17.10
CA GLY B 126 -3.34 -27.33 17.52
C GLY B 126 -4.23 -26.66 16.48
N GLU B 127 -5.53 -26.70 16.74
CA GLU B 127 -6.51 -26.10 15.84
C GLU B 127 -6.30 -24.59 15.65
N ASN B 128 -5.76 -23.90 16.65
CA ASN B 128 -5.49 -22.48 16.53
C ASN B 128 -4.06 -22.19 16.11
N ALA B 129 -3.42 -23.14 15.42
CA ALA B 129 -2.07 -22.90 14.95
C ALA B 129 -2.03 -21.58 14.18
N PRO B 130 -0.96 -20.76 14.34
CA PRO B 130 -0.91 -19.43 13.70
C PRO B 130 -0.50 -19.47 12.23
N VAL B 131 -1.31 -20.15 11.42
CA VAL B 131 -0.99 -20.30 10.00
C VAL B 131 -1.13 -19.00 9.23
N ASP B 132 -1.65 -17.94 9.87
CA ASP B 132 -1.74 -16.63 9.26
C ASP B 132 -0.55 -15.74 9.62
N SER B 133 0.53 -16.30 10.14
CA SER B 133 1.64 -15.50 10.64
C SER B 133 2.97 -16.17 10.35
N TRP B 134 3.98 -15.35 10.09
CA TRP B 134 5.35 -15.88 10.01
C TRP B 134 5.79 -16.53 11.32
N ASP B 135 5.09 -16.27 12.44
CA ASP B 135 5.34 -16.98 13.69
C ASP B 135 5.31 -18.49 13.52
N LEU B 136 4.54 -18.98 12.53
CA LEU B 136 4.44 -20.43 12.37
C LEU B 136 5.81 -21.05 12.18
N ILE B 137 6.67 -20.40 11.41
CA ILE B 137 7.94 -20.97 10.99
C ILE B 137 9.15 -20.17 11.45
N LEU B 138 8.99 -18.91 11.86
CA LEU B 138 10.13 -18.09 12.28
C LEU B 138 10.20 -17.88 13.77
N LYS B 139 9.23 -18.41 14.52
CA LYS B 139 9.31 -18.46 15.97
C LYS B 139 9.97 -19.76 16.39
N PRO B 140 11.13 -19.72 17.03
CA PRO B 140 11.84 -20.97 17.33
C PRO B 140 11.05 -22.00 18.10
N GLU B 141 10.24 -21.58 19.08
CA GLU B 141 9.47 -22.58 19.83
C GLU B 141 8.49 -23.31 18.92
N ASN B 142 7.98 -22.63 17.89
CA ASN B 142 7.11 -23.31 16.93
C ASN B 142 7.91 -24.21 15.99
N LEU B 143 9.04 -23.73 15.46
CA LEU B 143 9.78 -24.54 14.49
C LEU B 143 10.37 -25.79 15.14
N GLU B 144 10.73 -25.70 16.41
CA GLU B 144 11.21 -26.87 17.14
C GLU B 144 10.19 -28.00 17.17
N LYS B 145 8.91 -27.67 17.20
CA LYS B 145 7.87 -28.70 17.22
C LYS B 145 7.58 -29.24 15.82
N LEU B 146 7.64 -28.38 14.81
CA LEU B 146 7.31 -28.80 13.45
C LEU B 146 8.37 -29.68 12.82
N LYS B 147 9.60 -29.62 13.33
CA LYS B 147 10.64 -30.51 12.87
C LYS B 147 10.16 -31.96 12.84
N SER B 148 9.25 -32.33 13.75
CA SER B 148 8.78 -33.71 13.84
C SER B 148 8.31 -34.20 12.49
N CYS B 149 7.80 -33.30 11.67
CA CYS B 149 7.30 -33.73 10.37
C CYS B 149 8.04 -33.06 9.22
N GLY B 150 9.13 -32.32 9.50
CA GLY B 150 10.04 -31.89 8.45
C GLY B 150 9.88 -30.43 8.03
N VAL B 151 10.99 -29.68 7.97
CA VAL B 151 11.00 -28.25 7.66
C VAL B 151 11.96 -27.99 6.50
N SER B 152 11.55 -27.19 5.50
CA SER B 152 12.49 -26.73 4.49
C SER B 152 12.38 -25.22 4.28
N PHE B 153 13.51 -24.60 3.91
CA PHE B 153 13.58 -23.21 3.49
C PHE B 153 14.06 -23.14 2.04
N LEU B 154 13.61 -22.12 1.30
CA LEU B 154 14.16 -21.89 -0.02
C LEU B 154 15.65 -21.63 0.04
N ASP B 155 16.35 -22.06 -1.01
CA ASP B 155 17.75 -21.71 -1.20
C ASP B 155 17.84 -20.39 -1.99
N ALA B 156 17.26 -19.33 -1.38
CA ALA B 156 17.03 -18.04 -2.07
C ALA B 156 17.46 -16.96 -1.10
N PRO B 157 18.76 -16.65 -1.03
CA PRO B 157 19.25 -15.78 0.05
C PRO B 157 18.65 -14.40 0.09
N GLU B 158 18.48 -13.72 -1.04
CA GLU B 158 17.90 -12.38 -0.97
C GLU B 158 16.47 -12.43 -0.44
N GLU B 159 15.71 -13.45 -0.85
CA GLU B 159 14.31 -13.54 -0.41
C GLU B 159 14.21 -13.89 1.07
N VAL B 160 15.02 -14.84 1.54
CA VAL B 160 14.94 -15.27 2.94
C VAL B 160 15.35 -14.14 3.87
N PHE B 161 16.46 -13.45 3.57
CA PHE B 161 16.87 -12.33 4.42
C PHE B 161 15.86 -11.19 4.44
N ALA B 162 15.27 -10.84 3.29
CA ALA B 162 14.25 -9.79 3.27
C ALA B 162 13.05 -10.20 4.11
N THR B 163 12.66 -11.48 4.00
CA THR B 163 11.55 -12.00 4.81
C THR B 163 11.87 -11.92 6.30
N VAL B 164 13.10 -12.30 6.68
CA VAL B 164 13.47 -12.25 8.09
C VAL B 164 13.51 -10.82 8.58
N LEU B 165 14.10 -9.92 7.80
CA LEU B 165 14.20 -8.52 8.20
C LEU B 165 12.82 -7.91 8.39
N ASN B 166 11.88 -8.16 7.47
CA ASN B 166 10.52 -7.67 7.64
C ASN B 166 9.89 -8.20 8.93
N TYR B 167 10.07 -9.50 9.20
CA TYR B 167 9.51 -10.13 10.39
C TYR B 167 10.04 -9.49 11.66
N LEU B 168 11.32 -9.09 11.64
CA LEU B 168 11.99 -8.46 12.78
C LEU B 168 11.65 -6.97 12.91
N GLY B 169 10.82 -6.44 12.04
CA GLY B 169 10.47 -5.04 12.11
C GLY B 169 11.46 -4.10 11.47
N LYS B 170 12.38 -4.61 10.65
CA LYS B 170 13.35 -3.79 9.93
C LYS B 170 12.87 -3.53 8.50
N ASP B 171 13.54 -2.61 7.83
CA ASP B 171 13.34 -2.43 6.39
C ASP B 171 13.66 -3.76 5.70
N PRO B 172 12.72 -4.34 4.94
CA PRO B 172 13.04 -5.59 4.23
C PRO B 172 14.26 -5.46 3.34
N ASN B 173 14.54 -4.24 2.85
CA ASN B 173 15.71 -3.94 2.03
C ASN B 173 16.74 -3.09 2.79
N SER B 174 16.88 -3.35 4.08
CA SER B 174 17.80 -2.60 4.92
C SER B 174 19.16 -2.44 4.25
N THR B 175 19.73 -1.24 4.40
CA THR B 175 21.09 -0.96 3.97
C THR B 175 22.05 -0.87 5.16
N LYS B 176 21.62 -1.33 6.35
CA LYS B 176 22.44 -1.34 7.55
C LYS B 176 23.10 -2.71 7.67
N ALA B 177 24.42 -2.75 7.53
CA ALA B 177 25.11 -4.03 7.55
C ALA B 177 24.82 -4.80 8.83
N ASP B 178 24.76 -4.07 9.96
CA ASP B 178 24.56 -4.72 11.25
C ASP B 178 23.22 -5.44 11.33
N ASP B 179 22.22 -5.00 10.55
CA ASP B 179 20.96 -5.72 10.54
C ASP B 179 21.15 -7.15 10.04
N TYR B 180 22.04 -7.35 9.07
CA TYR B 180 22.28 -8.68 8.54
C TYR B 180 23.16 -9.52 9.47
N THR B 181 24.26 -8.95 9.95
CA THR B 181 25.22 -9.71 10.75
C THR B 181 24.71 -9.97 12.16
N GLY B 182 23.87 -9.09 12.69
CA GLY B 182 23.34 -9.24 14.02
C GLY B 182 21.99 -9.94 14.04
N PRO B 183 20.91 -9.17 14.13
CA PRO B 183 19.59 -9.79 14.39
C PRO B 183 19.13 -10.79 13.35
N ALA B 184 19.34 -10.53 12.05
CA ALA B 184 18.86 -11.47 11.03
C ALA B 184 19.62 -12.78 11.12
N THR B 185 20.94 -12.72 11.23
CA THR B 185 21.72 -13.93 11.39
C THR B 185 21.39 -14.62 12.71
N ASP B 186 21.26 -13.85 13.79
CA ASP B 186 20.97 -14.44 15.08
C ASP B 186 19.71 -15.31 14.99
N LEU B 187 18.63 -14.78 14.42
CA LEU B 187 17.40 -15.54 14.31
C LEU B 187 17.59 -16.76 13.41
N LEU B 188 18.21 -16.57 12.26
CA LEU B 188 18.39 -17.71 11.35
C LEU B 188 19.23 -18.82 12.01
N LEU B 189 20.22 -18.47 12.83
CA LEU B 189 21.00 -19.51 13.50
C LEU B 189 20.20 -20.22 14.60
N LYS B 190 19.27 -19.52 15.26
CA LYS B 190 18.41 -20.20 16.24
C LYS B 190 17.44 -21.16 15.55
N LEU B 191 17.01 -20.83 14.33
CA LEU B 191 16.13 -21.72 13.60
C LEU B 191 16.88 -22.86 12.94
N ARG B 192 18.15 -22.64 12.58
CA ARG B 192 18.86 -23.56 11.70
C ARG B 192 18.81 -25.02 12.17
N PRO B 193 18.91 -25.33 13.46
CA PRO B 193 18.89 -26.75 13.85
C PRO B 193 17.61 -27.48 13.47
N ASN B 194 16.50 -26.78 13.23
CA ASN B 194 15.23 -27.40 12.92
C ASN B 194 14.93 -27.54 11.44
N ILE B 195 15.80 -27.03 10.57
CA ILE B 195 15.56 -26.99 9.14
C ILE B 195 16.18 -28.22 8.50
N ARG B 196 15.35 -29.06 7.85
CA ARG B 196 15.90 -30.28 7.27
C ARG B 196 16.84 -29.96 6.11
N TYR B 197 16.41 -29.04 5.24
CA TYR B 197 17.25 -28.65 4.11
C TYR B 197 16.85 -27.28 3.58
N PHE B 198 17.80 -26.70 2.83
CA PHE B 198 17.59 -25.50 2.02
C PHE B 198 17.52 -25.96 0.56
N HIS B 199 16.37 -25.86 -0.06
CA HIS B 199 16.27 -26.25 -1.47
C HIS B 199 15.05 -25.56 -2.05
N SER B 200 15.13 -25.18 -3.31
CA SER B 200 14.06 -24.41 -3.93
C SER B 200 13.20 -25.21 -4.91
N SER B 201 13.29 -26.56 -4.93
CA SER B 201 12.32 -27.32 -5.72
C SER B 201 11.94 -28.69 -5.13
N GLN B 202 12.84 -29.30 -4.34
CA GLN B 202 12.53 -30.60 -3.73
C GLN B 202 11.31 -30.50 -2.82
N TYR B 203 11.05 -29.32 -2.29
CA TYR B 203 9.96 -29.15 -1.31
C TYR B 203 8.57 -29.34 -1.93
N ILE B 204 8.44 -29.25 -3.26
CA ILE B 204 7.12 -29.45 -3.87
C ILE B 204 6.66 -30.90 -3.72
N ASN B 205 7.46 -31.83 -4.21
CA ASN B 205 7.04 -33.22 -4.07
C ASN B 205 7.08 -33.69 -2.63
N ASP B 206 7.98 -33.14 -1.81
CA ASP B 206 8.00 -33.56 -0.40
C ASP B 206 6.74 -33.11 0.32
N LEU B 207 6.24 -31.89 0.04
CA LEU B 207 4.94 -31.49 0.61
C LEU B 207 3.83 -32.40 0.10
N ALA B 208 3.82 -32.67 -1.21
CA ALA B 208 2.74 -33.45 -1.83
C ALA B 208 2.69 -34.88 -1.29
N ASN B 209 3.85 -35.45 -0.96
CA ASN B 209 3.96 -36.82 -0.50
C ASN B 209 3.92 -36.94 1.02
N GLY B 210 3.93 -35.82 1.74
CA GLY B 210 3.89 -35.84 3.19
C GLY B 210 5.22 -35.95 3.88
N ASP B 211 6.33 -35.80 3.16
CA ASP B 211 7.65 -35.95 3.78
C ASP B 211 8.10 -34.70 4.52
N ILE B 212 7.63 -33.50 4.13
CA ILE B 212 7.82 -32.31 4.95
C ILE B 212 6.44 -31.74 5.20
N CYS B 213 6.29 -31.04 6.33
CA CYS B 213 5.01 -30.45 6.67
C CYS B 213 5.01 -28.93 6.70
N VAL B 214 6.17 -28.27 6.59
CA VAL B 214 6.19 -26.82 6.54
C VAL B 214 7.40 -26.37 5.74
N ALA B 215 7.22 -25.34 4.90
CA ALA B 215 8.28 -24.83 4.05
C ALA B 215 8.07 -23.37 3.76
N ILE B 216 9.17 -22.62 3.68
CA ILE B 216 9.14 -21.38 2.90
C ILE B 216 9.11 -21.77 1.44
N GLY B 217 8.13 -21.28 0.72
CA GLY B 217 7.95 -21.67 -0.66
C GLY B 217 7.29 -20.59 -1.46
N TRP B 218 7.40 -20.77 -2.75
CA TRP B 218 6.73 -19.91 -3.71
C TRP B 218 5.28 -20.36 -3.92
N ALA B 219 4.35 -19.40 -3.90
CA ALA B 219 2.92 -19.72 -3.83
C ALA B 219 2.50 -20.81 -4.82
N GLY B 220 2.69 -20.58 -6.12
CA GLY B 220 2.21 -21.55 -7.10
C GLY B 220 2.85 -22.91 -6.96
N ASP B 221 4.12 -22.95 -6.56
CA ASP B 221 4.76 -24.24 -6.29
C ASP B 221 3.99 -25.03 -5.24
N VAL B 222 3.59 -24.35 -4.16
CA VAL B 222 2.85 -25.00 -3.09
C VAL B 222 1.46 -25.42 -3.58
N TRP B 223 0.78 -24.58 -4.37
CA TRP B 223 -0.51 -24.97 -4.89
C TRP B 223 -0.39 -26.17 -5.83
N GLN B 224 0.71 -26.25 -6.60
CA GLN B 224 0.97 -27.45 -7.39
C GLN B 224 1.10 -28.65 -6.48
N ALA B 225 1.88 -28.53 -5.40
CA ALA B 225 1.99 -29.65 -4.46
C ALA B 225 0.63 -30.08 -3.94
N SER B 226 -0.21 -29.13 -3.58
CA SER B 226 -1.56 -29.45 -3.11
C SER B 226 -2.34 -30.22 -4.16
N ASN B 227 -2.28 -29.76 -5.42
CA ASN B 227 -3.01 -30.45 -6.47
C ASN B 227 -2.41 -31.82 -6.77
N ARG B 228 -1.09 -31.97 -6.65
CA ARG B 228 -0.50 -33.28 -6.87
C ARG B 228 -0.97 -34.27 -5.82
N ALA B 229 -1.07 -33.83 -4.57
CA ALA B 229 -1.59 -34.71 -3.54
C ALA B 229 -3.05 -35.07 -3.82
N LYS B 230 -3.86 -34.10 -4.23
CA LYS B 230 -5.27 -34.39 -4.47
C LYS B 230 -5.42 -35.39 -5.60
N GLU B 231 -4.71 -35.19 -6.71
CA GLU B 231 -4.80 -36.12 -7.83
C GLU B 231 -4.26 -37.51 -7.48
N ALA B 232 -3.25 -37.59 -6.62
CA ALA B 232 -2.76 -38.89 -6.18
C ALA B 232 -3.74 -39.58 -5.23
N LYS B 233 -4.77 -38.87 -4.78
CA LYS B 233 -5.73 -39.40 -3.82
C LYS B 233 -5.00 -40.08 -2.65
N ASN B 234 -3.99 -39.39 -2.14
CA ASN B 234 -3.16 -39.90 -1.06
C ASN B 234 -3.54 -39.32 0.31
N GLY B 235 -4.62 -38.56 0.39
CA GLY B 235 -5.07 -38.00 1.64
C GLY B 235 -4.28 -36.82 2.18
N VAL B 236 -3.24 -36.37 1.48
CA VAL B 236 -2.41 -35.26 1.96
C VAL B 236 -3.08 -33.95 1.57
N ASN B 237 -3.26 -33.06 2.56
CA ASN B 237 -3.92 -31.77 2.38
C ASN B 237 -2.90 -30.66 2.61
N VAL B 238 -2.44 -30.03 1.52
CA VAL B 238 -1.44 -28.98 1.57
C VAL B 238 -2.13 -27.66 1.28
N SER B 239 -1.75 -26.61 2.02
CA SER B 239 -2.25 -25.27 1.77
C SER B 239 -1.08 -24.29 1.78
N PHE B 240 -1.38 -23.01 1.47
CA PHE B 240 -0.37 -21.96 1.41
C PHE B 240 -0.90 -20.73 2.13
N SER B 241 0.00 -20.00 2.79
CA SER B 241 -0.37 -18.78 3.50
C SER B 241 0.52 -17.62 3.10
N ILE B 242 -0.10 -16.50 2.75
CA ILE B 242 0.55 -15.19 2.70
C ILE B 242 0.38 -14.57 4.05
N PRO B 243 1.41 -14.48 4.90
CA PRO B 243 1.18 -14.15 6.31
C PRO B 243 0.80 -12.69 6.54
N LYS B 244 0.21 -12.48 7.72
CA LYS B 244 -0.39 -11.19 8.06
C LYS B 244 0.65 -10.08 8.16
N GLU B 245 1.90 -10.42 8.47
CA GLU B 245 2.95 -9.42 8.60
C GLU B 245 3.47 -8.92 7.26
N GLY B 246 2.98 -9.46 6.16
CA GLY B 246 3.48 -9.13 4.84
C GLY B 246 4.37 -10.23 4.31
N ALA B 247 4.68 -10.13 3.02
CA ALA B 247 5.51 -11.11 2.34
C ALA B 247 6.10 -10.45 1.12
N MET B 248 7.18 -11.06 0.61
CA MET B 248 7.80 -10.59 -0.63
C MET B 248 6.99 -11.02 -1.86
N ALA B 249 6.77 -10.10 -2.80
CA ALA B 249 6.26 -10.40 -4.12
C ALA B 249 7.41 -10.41 -5.13
N PHE B 250 7.31 -11.27 -6.13
CA PHE B 250 8.29 -11.34 -7.22
C PHE B 250 7.54 -11.34 -8.54
N PHE B 251 8.21 -10.84 -9.59
CA PHE B 251 7.65 -10.70 -10.93
C PHE B 251 8.67 -11.35 -11.85
N ASP B 252 8.35 -12.52 -12.38
CA ASP B 252 9.28 -13.18 -13.29
C ASP B 252 9.02 -12.71 -14.72
N VAL B 253 10.10 -12.51 -15.48
CA VAL B 253 10.01 -11.81 -16.75
C VAL B 253 10.83 -12.55 -17.80
N PHE B 254 10.34 -12.61 -19.04
CA PHE B 254 11.16 -13.08 -20.15
C PHE B 254 12.07 -11.96 -20.63
N ALA B 255 13.32 -12.32 -20.95
CA ALA B 255 14.32 -11.39 -21.46
C ALA B 255 15.14 -12.13 -22.51
N MET B 256 15.78 -11.35 -23.38
CA MET B 256 16.51 -11.86 -24.53
C MET B 256 18.00 -11.60 -24.35
N PRO B 257 18.81 -12.61 -24.15
CA PRO B 257 20.25 -12.38 -24.07
C PRO B 257 20.80 -11.63 -25.26
N ALA B 258 21.83 -10.84 -24.99
CA ALA B 258 22.42 -10.03 -26.03
C ALA B 258 22.99 -10.85 -27.18
N ASP B 259 23.39 -12.11 -26.93
CA ASP B 259 23.94 -12.96 -27.98
C ASP B 259 22.94 -14.02 -28.44
N ALA B 260 21.65 -13.79 -28.24
CA ALA B 260 20.63 -14.73 -28.70
C ALA B 260 20.76 -14.95 -30.20
N LYS B 261 20.48 -16.19 -30.63
CA LYS B 261 20.65 -16.53 -32.04
C LYS B 261 19.40 -16.39 -32.90
N ASN B 262 18.26 -16.91 -32.43
CA ASN B 262 17.06 -17.10 -33.24
C ASN B 262 16.04 -16.06 -32.83
N LYS B 263 16.33 -14.78 -33.11
CA LYS B 263 15.53 -13.72 -32.52
C LYS B 263 14.11 -13.69 -33.08
N ASP B 264 13.94 -13.90 -34.38
CA ASP B 264 12.59 -13.91 -34.94
C ASP B 264 11.74 -15.00 -34.31
N GLU B 265 12.32 -16.19 -34.12
CA GLU B 265 11.61 -17.27 -33.45
C GLU B 265 11.28 -16.92 -32.01
N ALA B 266 12.21 -16.24 -31.34
CA ALA B 266 11.97 -15.83 -29.96
C ALA B 266 10.79 -14.86 -29.88
N TYR B 267 10.71 -13.92 -30.84
CA TYR B 267 9.57 -13.01 -30.85
C TYR B 267 8.28 -13.77 -31.10
N GLN B 268 8.31 -14.77 -31.98
CA GLN B 268 7.10 -15.57 -32.18
C GLN B 268 6.66 -16.20 -30.86
N PHE B 269 7.62 -16.69 -30.05
CA PHE B 269 7.24 -17.32 -28.79
C PHE B 269 6.70 -16.30 -27.80
N LEU B 270 7.34 -15.14 -27.71
CA LEU B 270 6.81 -14.09 -26.84
C LEU B 270 5.39 -13.69 -27.26
N ASN B 271 5.15 -13.55 -28.57
CA ASN B 271 3.82 -13.18 -29.03
C ASN B 271 2.81 -14.28 -28.74
N TYR B 272 3.27 -15.53 -28.81
CA TYR B 272 2.42 -16.66 -28.45
C TYR B 272 1.98 -16.55 -27.00
N LEU B 273 2.93 -16.19 -26.11
CA LEU B 273 2.62 -16.07 -24.70
C LEU B 273 1.74 -14.86 -24.40
N LEU B 274 1.75 -13.84 -25.25
CA LEU B 274 0.88 -12.67 -25.06
C LEU B 274 -0.56 -12.97 -25.43
N ARG B 275 -0.82 -14.09 -26.08
CA ARG B 275 -2.19 -14.47 -26.39
C ARG B 275 -2.93 -14.82 -25.12
N PRO B 276 -4.08 -14.20 -24.83
CA PRO B 276 -4.71 -14.45 -23.53
C PRO B 276 -4.97 -15.91 -23.27
N ASP B 277 -5.38 -16.65 -24.30
CA ASP B 277 -5.74 -18.05 -24.12
C ASP B 277 -4.53 -18.91 -23.79
N VAL B 278 -3.38 -18.59 -24.36
CA VAL B 278 -2.18 -19.38 -24.10
C VAL B 278 -1.73 -19.21 -22.66
N VAL B 279 -1.69 -17.96 -22.18
CA VAL B 279 -1.14 -17.72 -20.86
C VAL B 279 -2.15 -18.07 -19.76
N ALA B 280 -3.46 -17.94 -20.03
CA ALA B 280 -4.44 -18.40 -19.05
C ALA B 280 -4.34 -19.91 -18.85
N HIS B 281 -4.13 -20.63 -19.94
CA HIS B 281 -3.95 -22.08 -19.89
C HIS B 281 -2.74 -22.45 -19.05
N ILE B 282 -1.65 -21.65 -19.12
CA ILE B 282 -0.49 -21.92 -18.28
C ILE B 282 -0.85 -21.73 -16.80
N SER B 283 -1.52 -20.61 -16.49
CA SER B 283 -1.92 -20.38 -15.10
C SER B 283 -2.78 -21.53 -14.59
N ASP B 284 -3.64 -22.07 -15.44
CA ASP B 284 -4.52 -23.17 -15.03
C ASP B 284 -3.74 -24.38 -14.55
N HIS B 285 -2.56 -24.61 -15.12
CA HIS B 285 -1.76 -25.78 -14.79
C HIS B 285 -0.66 -25.53 -13.75
N VAL B 286 -0.13 -24.31 -13.64
CA VAL B 286 0.97 -24.04 -12.70
C VAL B 286 0.51 -23.27 -11.46
N PHE B 287 -0.73 -22.82 -11.43
CA PHE B 287 -1.31 -22.18 -10.24
C PHE B 287 -0.57 -20.90 -9.87
N TYR B 288 -0.15 -20.15 -10.89
CA TYR B 288 0.44 -18.83 -10.76
C TYR B 288 -0.42 -17.81 -11.50
N ALA B 289 -0.52 -16.63 -10.92
CA ALA B 289 -1.12 -15.53 -11.63
C ALA B 289 -0.21 -15.08 -12.77
N ASN B 290 -0.77 -14.95 -13.98
CA ASN B 290 -0.02 -14.37 -15.09
C ASN B 290 -0.16 -12.85 -15.07
N ALA B 291 0.70 -12.16 -15.86
CA ALA B 291 0.74 -10.71 -15.88
C ALA B 291 -0.12 -10.10 -16.97
N ASN B 292 -1.01 -10.89 -17.55
CA ASN B 292 -1.79 -10.53 -18.73
C ASN B 292 -3.21 -10.19 -18.28
N LYS B 293 -3.57 -8.90 -18.31
CA LYS B 293 -4.90 -8.47 -17.85
C LYS B 293 -6.00 -8.99 -18.77
N ALA B 294 -5.69 -9.11 -20.07
CA ALA B 294 -6.66 -9.67 -21.03
C ALA B 294 -6.94 -11.15 -20.77
N ALA B 295 -6.01 -11.87 -20.11
CA ALA B 295 -6.13 -13.31 -19.89
C ALA B 295 -6.97 -13.65 -18.67
N THR B 296 -7.13 -12.73 -17.74
CA THR B 296 -7.75 -13.07 -16.47
C THR B 296 -9.11 -13.74 -16.60
N PRO B 297 -10.04 -13.29 -17.46
CA PRO B 297 -11.38 -13.94 -17.50
C PRO B 297 -11.35 -15.38 -17.99
N LEU B 298 -10.29 -15.77 -18.68
CA LEU B 298 -10.12 -17.13 -19.17
C LEU B 298 -9.49 -18.06 -18.14
N VAL B 299 -8.89 -17.53 -17.07
CA VAL B 299 -8.28 -18.39 -16.07
C VAL B 299 -9.38 -19.12 -15.31
N SER B 300 -9.12 -20.37 -14.96
CA SER B 300 -10.13 -21.14 -14.25
C SER B 300 -10.49 -20.50 -12.91
N ALA B 301 -11.75 -20.67 -12.52
CA ALA B 301 -12.22 -20.12 -11.25
C ALA B 301 -11.39 -20.65 -10.09
N GLU B 302 -11.00 -21.93 -10.16
CA GLU B 302 -10.20 -22.53 -9.09
C GLU B 302 -8.94 -21.71 -8.83
N VAL B 303 -8.31 -21.21 -9.89
CA VAL B 303 -7.07 -20.44 -9.78
C VAL B 303 -7.37 -18.97 -9.55
N ARG B 304 -8.26 -18.41 -10.37
CA ARG B 304 -8.49 -16.98 -10.36
C ARG B 304 -9.02 -16.52 -9.01
N GLU B 305 -9.84 -17.34 -8.35
CA GLU B 305 -10.49 -16.96 -7.11
C GLU B 305 -9.73 -17.41 -5.87
N ASN B 306 -8.53 -17.94 -6.04
CA ASN B 306 -7.69 -18.34 -4.91
C ASN B 306 -6.94 -17.13 -4.39
N PRO B 307 -7.23 -16.65 -3.19
CA PRO B 307 -6.55 -15.44 -2.70
C PRO B 307 -5.08 -15.63 -2.40
N GLY B 308 -4.59 -16.87 -2.46
CA GLY B 308 -3.17 -17.16 -2.38
C GLY B 308 -2.47 -17.19 -3.71
N ILE B 309 -3.20 -16.89 -4.79
CA ILE B 309 -2.67 -16.80 -6.14
C ILE B 309 -2.91 -15.42 -6.74
N TYR B 310 -4.17 -14.99 -6.72
CA TYR B 310 -4.59 -13.65 -7.08
C TYR B 310 -5.04 -12.96 -5.80
N PRO B 311 -4.13 -12.36 -5.03
CA PRO B 311 -4.51 -11.88 -3.68
C PRO B 311 -5.35 -10.62 -3.71
N PRO B 312 -6.15 -10.40 -2.68
CA PRO B 312 -6.99 -9.19 -2.64
C PRO B 312 -6.18 -7.94 -2.27
N ALA B 313 -6.85 -6.80 -2.43
CA ALA B 313 -6.15 -5.53 -2.33
C ALA B 313 -5.51 -5.34 -0.96
N ASP B 314 -6.22 -5.74 0.09
CA ASP B 314 -5.71 -5.57 1.44
C ASP B 314 -4.48 -6.43 1.69
N VAL B 315 -4.34 -7.55 0.97
CA VAL B 315 -3.14 -8.38 1.06
C VAL B 315 -2.02 -7.78 0.23
N ARG B 316 -2.34 -7.33 -0.99
CA ARG B 316 -1.32 -6.71 -1.84
C ARG B 316 -0.69 -5.51 -1.17
N ALA B 317 -1.44 -4.79 -0.34
CA ALA B 317 -0.92 -3.60 0.31
C ALA B 317 0.16 -3.94 1.32
N LYS B 318 0.26 -5.21 1.74
CA LYS B 318 1.26 -5.64 2.71
C LYS B 318 2.46 -6.30 2.05
N LEU B 319 2.50 -6.37 0.73
CA LEU B 319 3.62 -7.02 0.07
C LEU B 319 4.75 -6.03 -0.17
N PHE B 320 5.98 -6.54 -0.16
CA PHE B 320 7.16 -5.74 -0.45
C PHE B 320 7.92 -6.41 -1.59
N THR B 321 8.79 -5.63 -2.24
CA THR B 321 9.61 -6.16 -3.32
C THR B 321 11.08 -5.94 -2.99
N LEU B 322 11.94 -6.74 -3.62
CA LEU B 322 13.38 -6.61 -3.43
C LEU B 322 13.93 -5.38 -4.17
N LYS B 323 14.90 -4.73 -3.53
CA LYS B 323 15.73 -3.74 -4.17
C LYS B 323 17.15 -4.27 -4.34
N VAL B 324 17.86 -3.76 -5.34
CA VAL B 324 19.25 -4.15 -5.56
C VAL B 324 20.13 -3.43 -4.55
N GLN B 325 21.02 -4.17 -3.90
CA GLN B 325 21.91 -3.64 -2.87
C GLN B 325 23.25 -3.28 -3.49
N ASP B 326 23.94 -2.34 -2.85
CA ASP B 326 25.30 -1.99 -3.24
C ASP B 326 26.25 -3.13 -2.86
N PRO B 327 27.49 -3.09 -3.34
CA PRO B 327 28.41 -4.21 -3.10
C PRO B 327 28.67 -4.51 -1.63
N LYS B 328 28.75 -3.50 -0.78
CA LYS B 328 29.05 -3.75 0.63
C LYS B 328 27.97 -4.61 1.27
N ILE B 329 26.70 -4.23 1.08
CA ILE B 329 25.62 -5.02 1.66
C ILE B 329 25.53 -6.37 0.98
N ASP B 330 25.74 -6.41 -0.33
CA ASP B 330 25.71 -7.69 -1.03
C ASP B 330 26.74 -8.65 -0.44
N ARG B 331 27.93 -8.16 -0.17
CA ARG B 331 28.98 -8.99 0.42
C ARG B 331 28.59 -9.44 1.82
N VAL B 332 28.09 -8.51 2.65
CA VAL B 332 27.73 -8.89 4.02
C VAL B 332 26.63 -9.93 4.00
N ARG B 333 25.62 -9.73 3.15
CA ARG B 333 24.50 -10.67 3.06
C ARG B 333 24.95 -12.04 2.58
N THR B 334 25.80 -12.09 1.55
CA THR B 334 26.22 -13.37 1.03
C THR B 334 27.03 -14.15 2.07
N ARG B 335 27.93 -13.49 2.81
CA ARG B 335 28.66 -14.19 3.86
C ARG B 335 27.73 -14.69 4.94
N ALA B 336 26.74 -13.89 5.32
CA ALA B 336 25.83 -14.34 6.38
C ALA B 336 25.06 -15.57 5.94
N TRP B 337 24.61 -15.59 4.69
CA TRP B 337 23.90 -16.75 4.17
C TRP B 337 24.77 -18.00 4.21
N THR B 338 26.04 -17.87 3.87
CA THR B 338 26.94 -19.01 3.95
C THR B 338 27.00 -19.56 5.37
N LYS B 339 27.04 -18.67 6.36
CA LYS B 339 27.06 -19.15 7.74
C LYS B 339 25.79 -19.91 8.09
N VAL B 340 24.65 -19.40 7.63
CA VAL B 340 23.36 -19.95 8.00
C VAL B 340 23.20 -21.36 7.44
N LYS B 341 23.56 -21.55 6.17
CA LYS B 341 23.33 -22.86 5.58
C LYS B 341 24.15 -23.95 6.25
N SER B 342 25.37 -23.63 6.68
CA SER B 342 26.24 -24.62 7.32
C SER B 342 26.05 -24.61 8.85
C01 ONT C . 2.57 16.19 -0.47
C02 ONT C . 3.69 16.11 0.60
C03 ONT C . 3.20 15.42 1.94
C05 ONT C . 4.14 15.16 4.21
C06 ONT C . 5.36 15.77 5.07
C08 ONT C . 7.15 14.69 6.32
N09 ONT C . 4.85 15.40 0.03
O04 ONT C . 4.06 15.91 2.99
O07 ONT C . 5.73 14.83 6.09
H011 ONT C . 2.02 16.99 -0.37
H013 ONT C . 1.96 15.44 -0.43
H012 ONT C . 2.93 16.21 -1.37
H021 ONT C . 3.95 17.01 0.82
H032 ONT C . 3.28 14.46 1.86
H031 ONT C . 2.28 15.64 2.11
H052 ONT C . 3.32 15.25 4.72
H051 ONT C . 4.31 14.22 4.02
H061 ONT C . 6.13 15.93 4.49
H062 ONT C . 5.09 16.61 5.48
H082 ONT C . 7.60 15.51 6.06
H083 ONT C . 7.31 14.51 7.25
H081 ONT C . 7.49 13.95 5.78
H1 ONT C . 5.29 15.88 -0.57
H091 ONT C . 4.64 14.62 -0.34
C07 JFN D . -15.18 17.03 20.11
C08 JFN D . -13.65 17.40 23.37
C09 JFN D . -14.52 18.06 22.14
C15 JFN D . -14.38 16.16 24.00
N04 JFN D . -13.40 18.36 24.49
O02 JFN D . -14.13 17.46 20.85
H02 JFN D . -15.91 17.57 20.45
H03 JFN D . -14.90 17.23 19.20
H01 JFN D . -15.22 16.09 20.33
H081 JFN D . -12.80 17.13 22.97
H091 JFN D . -14.37 19.02 22.09
H092 JFN D . -15.48 17.90 22.27
H151 JFN D . -14.57 15.44 23.38
H152 JFN D . -13.88 15.72 24.71
H153 JFN D . -15.24 16.35 24.41
H1 JFN D . -13.78 19.15 24.40
H042 JFN D . -12.54 18.49 24.67
N AG2 E . -11.75 15.59 13.09
CA AG2 E . -10.59 16.31 12.50
CB AG2 E . -10.84 16.57 11.03
CG AG2 E . -9.76 17.46 10.40
CD AG2 E . -10.01 17.70 8.92
NE AG2 E . -9.31 18.93 8.40
CZ AG2 E . -9.08 19.36 6.96
NH1 AG2 E . -8.39 20.68 6.73
NH2 AG2 E . -9.43 18.67 5.90
HN1 AG2 E . -11.50 14.77 13.34
HN2 AG2 E . -12.04 16.04 13.80
HA1 AG2 E . -10.47 17.15 12.96
HA2 AG2 E . -9.80 15.76 12.60
HB1 AG2 E . -11.69 17.02 10.93
HB2 AG2 E . -10.85 15.73 10.56
HG1 AG2 E . -9.75 18.31 10.86
HG2 AG2 E . -8.89 17.03 10.51
HD1 AG2 E . -9.69 16.94 8.42
HD2 AG2 E . -10.96 17.80 8.78
HE1 AG2 E . -9.01 19.46 9.00
HH11 AG2 E . -8.14 21.14 7.41
HH21 AG2 E . -9.25 18.98 5.08
HH22 AG2 E . -8.21 20.95 5.94
C07 JFN F . 8.31 14.74 12.19
C08 JFN F . 4.95 14.59 10.72
C09 JFN F . 6.00 15.06 11.83
C15 JFN F . 3.84 13.80 11.36
N04 JFN F . 5.58 13.75 9.66
O02 JFN F . 7.20 14.21 11.61
H02 JFN F . 8.18 14.53 13.12
H03 JFN F . 8.23 15.67 11.94
H01 JFN F . 9.03 14.24 11.74
H081 JFN F . 4.61 15.38 10.28
H091 JFN F . 6.24 15.99 11.73
H092 JFN F . 5.66 14.92 12.73
H151 JFN F . 3.99 13.56 12.29
H152 JFN F . 3.65 12.94 10.95
H153 JFN F . 2.97 14.24 11.38
H1 JFN F . 5.43 14.02 8.83
H042 JFN F . 6.46 13.64 9.74
C07 JFN G . -12.47 26.09 -19.77
C08 JFN G . -10.77 28.91 -18.46
C09 JFN G . -12.12 28.33 -19.07
C15 JFN G . -9.50 28.42 -19.23
N04 JFN G . -10.64 28.52 -17.03
O02 JFN G . -11.71 27.19 -19.95
H02 JFN G . -11.80 25.40 -19.61
H03 JFN G . -13.00 26.34 -19.00
H01 JFN G . -12.95 26.03 -20.61
H081 JFN G . -10.81 29.87 -18.52
H091 JFN G . -12.72 28.00 -18.39
H092 JFN G . -12.58 28.98 -19.60
H151 JFN G . -9.37 27.47 -19.22
H152 JFN G . -8.66 28.78 -18.89
H153 JFN G . -9.48 28.65 -20.17
H1 JFN G . -10.65 29.20 -16.46
H042 JFN G . -9.91 28.04 -16.86
C01 ONT H . -11.80 22.69 36.85
C01 ONT H . -11.92 21.99 37.19
C02 ONT H . -10.57 22.38 35.94
C02 ONT H . -10.88 22.38 36.07
C03 ONT H . -9.24 23.09 36.48
C03 ONT H . -9.81 23.45 36.60
C05 ONT H . -8.39 25.34 36.86
C05 ONT H . -9.39 25.87 36.61
C06 ONT H . -9.17 26.66 37.22
C06 ONT H . -9.56 26.97 35.47
C08 ONT H . -9.55 26.90 39.59
C08 ONT H . -11.96 27.33 35.64
N09 ONT H . -10.38 20.91 35.85
N09 ONT H . -10.20 21.14 35.59
O04 ONT H . -9.30 24.48 36.13
O04 ONT H . -10.31 24.78 36.32
O07 ONT H . -8.65 27.11 38.47
O07 ONT H . -10.63 27.85 35.86
H011 ONT H . -12.24 23.53 36.63
H011 ONT H . -12.65 22.63 37.26
H013 ONT H . -11.57 22.75 37.79
H013 ONT H . -11.52 21.94 38.07
H012 ONT H . -12.50 22.01 36.79
H012 ONT H . -12.34 21.13 37.04
H021 ONT H . -10.77 22.72 35.05
H021 ONT H . -11.36 22.76 35.33
H032 ONT H . -8.46 22.67 36.07
H032 ONT H . -8.96 23.30 36.15
H031 ONT H . -9.17 22.98 37.44
H031 ONT H . -9.69 23.33 37.56
H052 ONT H . -8.10 24.90 37.66
H052 ONT H . -9.60 26.26 37.48
H051 ONT H . -7.62 25.56 36.29
H051 ONT H . -8.47 25.54 36.61
H061 ONT H . -9.03 27.35 36.56
H061 ONT H . -8.74 27.48 35.38
H062 ONT H . -10.12 26.49 37.32
H062 ONT H . -9.76 26.55 34.63
H082 ONT H . -10.18 27.65 39.64
H082 ONT H . -12.36 27.78 34.88
H083 ONT H . -9.04 26.85 40.41
H083 ONT H . -12.50 27.50 36.43
H081 ONT H . -10.04 26.07 39.45
H081 ONT H . -11.91 26.38 35.48
H1 ONT H . -11.05 20.49 35.43
H1 ONT H . -10.75 20.57 35.18
H091 ONT H . -9.62 20.67 35.45
H091 ONT H . -9.51 21.28 35.05
C07 JFN I . 2.24 28.74 30.84
C08 JFN I . 2.66 26.22 29.10
C09 JFN I . 1.60 26.52 30.26
C15 JFN I . 4.16 26.23 29.65
N04 JFN I . 2.55 27.21 28.02
O02 JFN I . 1.31 27.98 30.24
H02 JFN I . 1.71 29.40 31.31
H03 JFN I . 2.70 28.09 31.41
H01 JFN I . 2.75 29.08 30.08
H081 JFN I . 2.49 25.34 28.75
H091 JFN I . 0.79 26.02 30.11
H092 JFN I . 1.96 26.29 31.13
H151 JFN I . 4.47 27.09 29.98
H152 JFN I . 4.32 25.63 30.39
H153 JFN I . 4.83 25.98 28.99
H1 JFN I . 1.87 27.76 28.10
H042 JFN I . 3.28 27.69 27.90
C07 JFN J . 10.14 5.83 4.54
C08 JFN J . 11.10 8.35 6.51
C09 JFN J . 10.03 7.21 6.49
C15 JFN J . 10.74 9.49 7.51
N04 JFN J . 11.23 8.94 5.15
O02 JFN J . 9.75 7.01 5.03
H02 JFN J . 9.43 5.61 3.92
H03 JFN J . 10.17 5.27 5.35
H01 JFN J . 11.00 6.03 4.15
H081 JFN J . 11.95 7.97 6.79
H091 JFN J . 10.35 6.39 6.87
H092 JFN J . 9.21 7.47 6.95
H151 JFN J . 9.89 9.91 7.35
H152 JFN J . 11.37 10.23 7.54
H153 JFN J . 10.68 9.20 8.44
H1 JFN J . 11.15 9.82 5.12
H042 JFN J . 12.01 8.73 4.75
C07 JFN K . -4.11 2.70 5.40
C08 JFN K . -2.91 2.48 2.05
C09 JFN K . -2.83 3.15 3.47
C15 JFN K . -1.71 1.47 1.85
N04 JFN K . -4.20 1.77 1.84
O02 JFN K . -4.16 3.02 4.09
H02 JFN K . -3.17 2.52 5.54
H03 JFN K . -4.69 1.93 5.45
H01 JFN K . -4.45 3.51 5.82
H081 JFN K . -2.86 3.18 1.38
H091 JFN K . -2.60 4.09 3.42
H092 JFN K . -2.17 2.70 4.04
H151 JFN K . -0.83 1.86 1.92
H152 JFN K . -1.68 0.74 2.48
H153 JFN K . -1.70 1.03 0.99
H1 JFN K . -4.70 2.10 1.18
H042 JFN K . -4.70 1.71 2.57
C07 JFN L . -19.50 15.84 16.25
C08 JFN L . -20.29 19.31 15.24
C09 JFN L . -19.76 17.83 15.00
C15 JFN L . -21.71 19.49 14.67
N04 JFN L . -19.41 20.29 14.58
O02 JFN L . -19.70 17.17 16.34
H02 JFN L . -18.96 15.66 17.04
H03 JFN L . -19.06 15.75 15.40
H01 JFN L . -20.41 15.49 16.30
H081 JFN L . -20.32 19.47 16.20
H091 JFN L . -20.34 17.33 14.42
H092 JFN L . -18.87 17.84 14.61
H151 JFN L . -22.00 18.79 14.07
H152 JFN L . -21.83 20.30 14.15
H153 JFN L . -22.42 19.54 15.33
H1 JFN L . -18.74 19.93 14.13
H042 JFN L . -19.07 20.90 15.13
C01 ONW M . -20.22 22.71 30.88
C02 ONW M . -18.82 22.14 31.17
C03 ONW M . -18.11 22.98 32.28
C05 ONW M . -17.00 21.03 33.31
C06 ONW M . -17.12 20.15 34.55
C07 ONW M . -15.53 21.62 33.20
C09 ONW M . -14.10 23.18 34.25
C10 ONW M . -14.40 24.65 34.66
C12 ONW M . -14.71 25.46 32.43
N13 ONW M . -17.98 22.17 29.96
O04 ONW M . -17.94 22.13 33.43
O08 ONW M . -15.36 22.50 34.29
O11 ONW M . -13.88 25.45 33.59
H012 ONW M . -20.17 23.66 30.64
H011 ONW M . -20.79 22.64 31.65
H013 ONW M . -20.65 22.25 30.15
H021 ONW M . -18.94 21.23 31.48
H031 ONW M . -18.62 23.77 32.54
H032 ONW M . -17.24 23.31 31.99
H051 ONW M . -17.17 20.53 32.49
H062 ONW M . -16.39 19.52 34.63
H061 ONW M . -17.13 20.68 35.37
H063 ONW M . -17.94 19.64 34.55
H072 ONW M . -14.87 20.91 33.22
H071 ONW M . -15.40 22.08 32.36
H091 ONW M . -13.70 23.13 33.37
H092 ONW M . -13.46 22.77 34.85
H102 ONW M . -15.35 24.78 34.78
H101 ONW M . -13.99 24.86 35.51
H121 ONW M . -14.68 24.62 31.95
H122 ONW M . -14.46 26.15 31.80
H123 ONW M . -15.64 25.61 32.66
H1 ONW M . -18.25 22.74 29.34
H132 ONW M . -17.83 21.37 29.60
S SO4 N . -25.49 27.01 -14.55
O1 SO4 N . -26.59 27.74 -13.92
O2 SO4 N . -25.98 25.69 -14.92
O3 SO4 N . -25.01 27.68 -15.75
O4 SO4 N . -24.39 26.93 -13.60
CL CL O . 3.69 2.12 22.76
CL CL P . -7.20 44.06 3.80
CL CL P . -6.89 44.47 5.58
CL CL Q . -15.39 30.36 37.13
CL CL R . -15.81 -13.28 -3.71
C01 ONT S . 3.84 -3.88 -3.81
C02 ONT S . 2.68 -4.22 -4.79
C03 ONT S . 2.41 -5.79 -4.81
C05 ONT S . 0.61 -5.62 -6.51
C06 ONT S . 0.32 -6.18 -7.98
C08 ONT S . -1.54 -6.00 -9.51
N09 ONT S . 1.50 -3.46 -4.34
O04 ONT S . 1.83 -6.26 -6.07
O07 ONT S . -0.67 -5.33 -8.60
H011 ONT S . 3.82 -2.96 -3.50
H013 ONT S . 3.84 -4.43 -3.01
H012 ONT S . 4.72 -4.01 -4.22
H021 ONT S . 2.91 -3.94 -5.69
H032 ONT S . 1.80 -6.00 -4.08
H031 ONT S . 3.24 -6.24 -4.65
H052 ONT S . 0.73 -4.65 -6.54
H051 ONT S . -0.12 -5.84 -5.92
H061 ONT S . -0.02 -7.08 -7.94
H062 ONT S . 1.13 -6.18 -8.51
H082 ONT S . -1.71 -6.90 -9.19
H083 ONT S . -2.38 -5.51 -9.55
H081 ONT S . -1.14 -6.03 -10.39
H1 ONT S . 1.55 -2.59 -4.52
H091 ONT S . 1.33 -3.54 -3.47
N AG2 T . 8.48 -22.82 -10.24
CA AG2 T . 8.40 -21.35 -10.48
CB AG2 T . 9.10 -20.61 -9.33
CG AG2 T . 9.30 -19.12 -9.63
CD AG2 T . 10.06 -18.37 -8.54
NE AG2 T . 10.64 -17.07 -8.99
CZ AG2 T . 11.22 -15.97 -8.18
NH1 AG2 T . 11.79 -14.80 -8.92
NH2 AG2 T . 11.22 -16.01 -6.87
HN1 AG2 T . 8.87 -23.22 -10.93
HN2 AG2 T . 7.64 -23.14 -10.17
HA1 AG2 T . 8.85 -21.14 -11.32
HA2 AG2 T . 7.47 -21.08 -10.54
HB1 AG2 T . 8.54 -20.68 -8.53
HB2 AG2 T . 9.96 -21.01 -9.17
HG1 AG2 T . 9.81 -19.04 -10.46
HG2 AG2 T . 8.44 -18.70 -9.74
HD1 AG2 T . 9.45 -18.18 -7.81
HD2 AG2 T . 10.78 -18.94 -8.22
HE1 AG2 T . 10.64 -16.95 -9.85
HH11 AG2 T . 11.76 -14.80 -9.78
HH21 AG2 T . 11.56 -15.34 -6.40
HH22 AG2 T . 12.11 -14.12 -8.49
C01 ONT U . 8.21 -28.61 -35.19
C01 ONT U . 9.11 -28.10 -35.28
C02 ONT U . 7.34 -29.88 -35.44
C02 ONT U . 9.26 -29.64 -35.09
C03 ONT U . 6.71 -30.47 -34.05
C03 ONT U . 8.18 -30.19 -34.07
C05 ONT U . 4.52 -30.84 -32.87
C05 ONT U . 5.77 -30.33 -33.75
C06 ONT U . 5.48 -31.62 -31.82
C06 ONT U . 5.95 -31.77 -33.04
C08 ONT U . 5.40 -32.89 -29.72
C08 ONT U . 7.82 -32.65 -31.77
N09 ONT U . 6.28 -29.57 -36.42
N09 ONT U . 10.61 -29.95 -34.64
O04 ONT U . 5.25 -30.67 -34.17
O04 ONT U . 6.88 -30.14 -34.68
O07 ONT U . 4.68 -32.09 -30.70
O07 ONT U . 6.88 -31.59 -31.95
H011 ONT U . 8.40 -28.13 -36.00
H011 ONT U . 8.78 -27.66 -34.48
H013 ONT U . 9.07 -28.83 -34.79
H013 ONT U . 8.49 -27.87 -35.99
H012 ONT U . 7.78 -27.98 -34.59
H012 ONT U . 9.95 -27.67 -35.50
H021 ONT U . 7.90 -30.58 -35.81
H021 ONT U . 9.12 -30.06 -35.96
H032 ONT U . 6.89 -29.84 -33.34
H032 ONT U . 8.20 -29.64 -33.26
H031 ONT U . 7.15 -31.31 -33.83
H031 ONT U . 8.41 -31.10 -33.83
H052 ONT U . 4.30 -29.97 -32.52
H052 ONT U . 5.76 -29.63 -33.08
H051 ONT U . 3.72 -31.36 -33.01
H051 ONT U . 4.93 -30.32 -34.24
H061 ONT U . 5.91 -32.38 -32.24
H061 ONT U . 6.30 -32.42 -33.66
H062 ONT U . 6.17 -31.02 -31.48
H062 ONT U . 5.10 -32.08 -32.69
H082 ONT U . 6.36 -32.73 -29.82
H082 ONT U . 8.63 -32.31 -31.36
H083 ONT U . 5.21 -33.83 -29.88
H083 ONT U . 8.03 -33.03 -32.63
H081 ONT U . 5.12 -32.64 -28.83
H081 ONT U . 7.42 -33.34 -31.20
H1 ONT U . 6.59 -29.47 -37.25
H1 ONT U . 10.75 -30.83 -34.54
H091 ONT U . 5.82 -28.84 -36.22
H091 ONT U . 11.24 -29.65 -35.17
C07 JFN V . -17.00 -11.82 -16.85
C08 JFN V . -14.60 -10.59 -19.36
C09 JFN V . -15.81 -10.41 -18.33
C15 JFN V . -14.20 -9.23 -20.00
N04 JFN V . -14.93 -11.55 -20.43
O02 JFN V . -15.81 -11.62 -17.48
H02 JFN V . -17.61 -11.33 -17.42
H03 JFN V . -17.08 -12.78 -16.88
H01 JFN V . -16.84 -11.43 -15.98
H081 JFN V . -13.84 -10.92 -18.87
H091 JFN V . -15.71 -9.62 -17.78
H092 JFN V . -16.67 -10.35 -18.79
H151 JFN V . -14.93 -8.73 -20.39
H152 JFN V . -13.56 -9.30 -20.73
H153 JFN V . -13.78 -8.60 -19.39
H1 JFN V . -14.95 -11.21 -21.25
H042 JFN V . -14.40 -12.27 -20.45
C07 JFN W . 12.91 -30.25 -10.35
C08 JFN W . 15.77 -28.46 -11.79
C09 JFN W . 14.41 -28.57 -11.01
C15 JFN W . 16.42 -27.07 -11.60
N04 JFN W . 16.75 -29.47 -11.31
O02 JFN W . 14.06 -30.00 -11.00
H02 JFN W . 12.45 -29.39 -10.41
H03 JFN W . 12.52 -30.97 -10.88
H01 JFN W . 13.21 -30.49 -9.47
H081 JFN W . 15.59 -28.60 -12.73
H091 JFN W . 14.49 -28.25 -10.10
H092 JFN W . 13.70 -28.07 -11.45
H151 JFN W . 17.25 -26.93 -12.09
H152 JFN W . 16.66 -26.85 -10.68
H153 JFN W . 15.86 -26.32 -11.87
H1 JFN W . 17.56 -29.15 -11.14
H042 JFN W . 16.46 -29.93 -10.60
C07 JFN X . -5.33 -25.16 20.91
C08 JFN X . -5.76 -28.79 20.31
C09 JFN X . -4.95 -27.50 20.81
C15 JFN X . -4.80 -29.90 19.87
N04 JFN X . -6.67 -28.47 19.19
O02 JFN X . -5.78 -26.32 20.38
H02 JFN X . -6.09 -24.88 21.45
H03 JFN X . -4.55 -25.44 21.40
H01 JFN X . -5.15 -24.63 20.11
H081 JFN X . -6.30 -29.12 21.05
H091 JFN X . -4.85 -27.48 21.77
H092 JFN X . -4.07 -27.44 20.40
H151 JFN X . -4.09 -29.62 19.27
H152 JFN X . -5.22 -30.64 19.39
H153 JFN X . -4.32 -30.34 20.59
H1 JFN X . -6.78 -27.59 19.05
H042 JFN X . -6.44 -28.84 18.42
C07 JFN Y . 29.59 -11.45 -20.34
C08 JFN Y . 29.19 -12.31 -23.77
C09 JFN Y . 28.75 -11.33 -22.57
C15 JFN Y . 29.28 -11.53 -25.14
N04 JFN Y . 28.23 -13.42 -23.93
O02 JFN Y . 28.93 -12.12 -21.31
H02 JFN Y . 29.15 -11.77 -19.53
H03 JFN Y . 29.41 -10.52 -20.58
H01 JFN Y . 30.50 -11.74 -20.47
H081 JFN Y . 30.07 -12.66 -23.57
H091 JFN Y . 29.31 -10.54 -22.52
H092 JFN Y . 27.83 -11.06 -22.65
H151 JFN Y . 28.46 -11.10 -25.41
H152 JFN Y . 29.51 -12.09 -25.90
H153 JFN Y . 29.94 -10.82 -25.16
H1 JFN Y . 27.53 -13.39 -23.39
H042 JFN Y . 28.59 -14.22 -23.86
C07 JFN Z . 9.44 -29.17 -23.87
C08 JFN Z . 7.93 -29.50 -20.56
C09 JFN Z . 8.08 -28.78 -21.96
C15 JFN Z . 6.45 -29.94 -20.31
N04 JFN Z . 8.35 -28.61 -19.47
O02 JFN Z . 8.84 -29.75 -22.81
H02 JFN Z . 8.80 -29.34 -24.59
H03 JFN Z . 9.52 -28.25 -23.59
H01 JFN Z . 10.27 -29.66 -23.93
H081 JFN Z . 8.48 -30.30 -20.56
H091 JFN Z . 7.22 -28.59 -22.37
H092 JFN Z . 8.57 -27.95 -21.88
H151 JFN Z . 5.80 -29.21 -20.33
H152 JFN Z . 6.29 -30.34 -19.44
H153 JFN Z . 6.10 -30.59 -20.94
H1 JFN Z . 8.59 -27.78 -19.72
H042 JFN Z . 9.01 -28.93 -18.97
C07 JFN AA . 23.07 -2.44 -23.41
C08 JFN AA . 25.55 -1.23 -20.93
C09 JFN AA . 24.56 -2.27 -21.60
C15 JFN AA . 26.96 -1.87 -20.74
N04 JFN AA . 25.05 -0.80 -19.61
O02 JFN AA . 23.90 -1.60 -22.74
H02 JFN AA . 22.81 -3.07 -22.71
H03 JFN AA . 22.37 -1.83 -23.71
H01 JFN AA . 23.65 -2.79 -24.10
H081 JFN AA . 25.63 -0.45 -21.50
H091 JFN AA . 23.88 -2.57 -20.98
H092 JFN AA . 25.04 -3.04 -21.94
H151 JFN AA . 26.98 -2.66 -20.17
H152 JFN AA . 27.62 -1.29 -20.33
H153 JFN AA . 27.39 -2.16 -21.55
H1 JFN AA . 24.98 0.09 -19.51
H042 JFN AA . 24.26 -1.14 -19.39
C07 JFN BA . 25.83 -0.77 10.31
C08 JFN BA . 27.12 0.58 7.25
C09 JFN BA . 25.92 0.42 8.27
C15 JFN BA . 28.04 1.82 7.58
N04 JFN BA . 26.61 0.71 5.85
O02 JFN BA . 26.22 -0.82 9.02
H02 JFN BA . 25.58 0.16 10.41
H03 JFN BA . 25.09 -1.40 10.31
H01 JFN BA . 26.63 -1.06 10.78
H081 JFN BA . 27.68 -0.22 7.29
H091 JFN BA . 25.88 1.17 8.89
H092 JFN BA . 25.08 0.34 7.82
H151 JFN BA . 27.56 2.66 7.70
H152 JFN BA . 28.70 2.04 6.92
H153 JFN BA . 28.55 1.73 8.41
H1 JFN BA . 25.72 0.63 5.77
H042 JFN BA . 26.84 1.48 5.45
C07 JFN CA . -12.67 -24.04 -12.25
C08 JFN CA . -13.87 -22.64 -15.39
C09 JFN CA . -13.10 -23.75 -14.56
C15 JFN CA . -13.16 -22.32 -16.76
N04 JFN CA . -13.94 -21.40 -14.60
O02 JFN CA . -13.56 -23.59 -13.17
H02 JFN CA . -11.84 -24.05 -12.74
H03 JFN CA . -13.04 -24.91 -12.02
H01 JFN CA . -12.74 -23.36 -11.55
H081 JFN CA . -14.76 -22.95 -15.58
H091 JFN CA . -13.32 -24.64 -14.88
H092 JFN CA . -12.14 -23.63 -14.61
H151 JFN CA . -12.24 -22.01 -16.69
H152 JFN CA . -13.59 -21.64 -17.29
H153 JFN CA . -13.10 -23.08 -17.37
H1 JFN CA . -13.51 -20.71 -14.96
H042 JFN CA . -14.77 -21.13 -14.44
S SO4 DA . 33.10 -13.12 9.90
O1 SO4 DA . 33.34 -14.36 9.15
O2 SO4 DA . 32.35 -13.40 11.13
O3 SO4 DA . 32.33 -12.23 9.06
O4 SO4 DA . 34.39 -12.52 10.27
S SO4 EA . 14.74 -33.82 10.48
O1 SO4 EA . 15.04 -34.41 11.79
O2 SO4 EA . 13.36 -34.16 10.15
O3 SO4 EA . 14.91 -32.37 10.54
O4 SO4 EA . 15.65 -34.35 9.47
S SO4 FA . -6.92 -28.34 -19.78
O1 SO4 FA . -6.89 -27.72 -18.46
O2 SO4 FA . -7.86 -29.45 -19.79
O3 SO4 FA . -7.32 -27.34 -20.77
O4 SO4 FA . -5.60 -28.86 -20.12
CL CL GA . 32.10 -1.37 -1.59
#